data_4QX8
#
_entry.id   4QX8
#
_cell.length_a   53.797
_cell.length_b   84.615
_cell.length_c   170.077
_cell.angle_alpha   90.00
_cell.angle_beta   90.00
_cell.angle_gamma   90.00
#
_symmetry.space_group_name_H-M   'P 21 21 21'
#
loop_
_entity.id
_entity.type
_entity.pdbx_description
1 polymer 'Lysine-specific demethylase 2A'
2 polymer 'Lysine-specific demethylase 2A'
3 polymer 'Histone H3.2'
4 non-polymer 'NICKEL (II) ION'
5 non-polymer '2-OXOGLUTARIC ACID'
6 water water
#
loop_
_entity_poly.entity_id
_entity_poly.type
_entity_poly.pdbx_seq_one_letter_code
_entity_poly.pdbx_strand_id
1 'polypeptide(L)'
;RTFDLEEKLQTNKYNANFVTFMEGKDFNVEYIQRGGLRDPLIFKNSDGLGIKMPDPDFTVNDVKMCVGSRRMVDVMDVNT
QKGIEMTMAQWTRYYETPEEEREKLYNVISLEFSHTRLENMVQRPSTVDFIDWVDNMWPRHLKESQTESTNAILEMQYPK
VQKYCLMSVRGCYTDFHVDFGGTSVWYHIHQGGKVFWLIPPTAHNLELYENWLLSGKQGDIFLGDRVSDCQRIELKQGYT
FVIPSGWIHAVYTPTDTLVFGGNFLHSFNIPMQLKIYSIEDRTRVPNKFRYPFYYEMCWYVLERYVYCITNRSHLTKDFQ
KESLSMDME
;
A,C
2 'polypeptide(L)' QVHLTHFELEGLRCLVDKLESLPLHKKCVPTGIEDEDALIADVKILLEELASSDPKLALTGVPIVQWP B,D
3 'polypeptide(L)' APATGGV(M3L)KPHRYRP E,F
#
# COMPACT_ATOMS: atom_id res chain seq x y z
N ARG A 1 17.66 32.75 -2.50
CA ARG A 1 17.85 32.32 -1.08
C ARG A 1 17.40 33.41 -0.10
N THR A 2 16.34 33.12 0.66
CA THR A 2 15.78 34.07 1.61
C THR A 2 16.37 33.96 3.02
N PHE A 3 17.43 33.16 3.17
CA PHE A 3 18.18 33.11 4.42
C PHE A 3 19.65 33.40 4.18
N ASP A 4 20.37 33.70 5.25
CA ASP A 4 21.77 34.08 5.20
C ASP A 4 22.63 32.85 5.43
N LEU A 5 23.31 32.40 4.39
CA LEU A 5 24.06 31.15 4.44
C LEU A 5 25.32 31.25 5.32
N GLU A 6 25.97 32.42 5.34
CA GLU A 6 27.18 32.61 6.15
C GLU A 6 26.96 32.43 7.66
N GLU A 7 25.79 32.82 8.17
CA GLU A 7 25.50 32.62 9.60
C GLU A 7 25.30 31.14 9.94
N LYS A 8 24.88 30.35 8.96
CA LYS A 8 24.72 28.90 9.16
C LYS A 8 26.09 28.20 9.25
N LEU A 9 27.09 28.82 8.65
CA LEU A 9 28.46 28.30 8.68
C LEU A 9 29.23 28.71 9.91
N GLN A 10 28.74 29.73 10.61
CA GLN A 10 29.47 30.31 11.74
C GLN A 10 28.88 29.93 13.10
N THR A 11 27.55 29.85 13.18
CA THR A 11 26.88 29.50 14.44
C THR A 11 27.38 28.19 15.07
N ASN A 12 27.30 28.12 16.40
CA ASN A 12 27.64 26.91 17.14
C ASN A 12 26.41 26.07 17.52
N LYS A 13 25.24 26.45 17.03
CA LYS A 13 23.98 25.78 17.39
C LYS A 13 23.76 24.42 16.72
N TYR A 14 24.54 24.09 15.69
CA TYR A 14 24.43 22.78 15.04
C TYR A 14 25.45 21.81 15.67
N ASN A 15 25.21 21.52 16.95
CA ASN A 15 26.18 20.87 17.85
C ASN A 15 25.90 19.41 18.18
N ALA A 16 24.95 18.80 17.47
CA ALA A 16 24.70 17.37 17.63
C ALA A 16 25.93 16.58 17.24
N ASN A 17 26.06 15.38 17.81
CA ASN A 17 27.15 14.47 17.49
C ASN A 17 26.54 13.18 16.94
N PHE A 18 26.27 13.16 15.64
CA PHE A 18 25.69 12.00 14.96
C PHE A 18 26.73 11.10 14.29
N VAL A 19 27.89 11.67 13.96
CA VAL A 19 28.89 10.99 13.16
C VAL A 19 29.85 10.20 14.03
N THR A 20 29.99 8.92 13.75
CA THR A 20 30.97 8.05 14.41
C THR A 20 32.33 8.11 13.71
N PHE A 21 33.39 8.33 14.48
CA PHE A 21 34.74 8.30 13.94
C PHE A 21 35.33 6.91 14.06
N MET A 22 35.79 6.38 12.94
CA MET A 22 36.08 4.96 12.83
C MET A 22 37.40 4.68 12.11
N GLU A 23 37.99 3.52 12.39
CA GLU A 23 39.16 3.03 11.65
C GLU A 23 38.71 2.13 10.51
N GLY A 24 39.40 2.24 9.37
CA GLY A 24 39.00 1.52 8.15
C GLY A 24 38.91 0.02 8.31
N LYS A 25 39.85 -0.57 9.05
CA LYS A 25 39.87 -2.02 9.25
C LYS A 25 38.66 -2.56 10.00
N ASP A 26 37.96 -1.69 10.72
CA ASP A 26 36.78 -2.12 11.48
C ASP A 26 35.51 -2.01 10.67
N PHE A 27 35.60 -1.34 9.51
CA PHE A 27 34.45 -1.20 8.61
C PHE A 27 34.42 -2.40 7.70
N ASN A 28 33.86 -3.49 8.22
CA ASN A 28 33.78 -4.76 7.49
C ASN A 28 32.35 -5.30 7.48
N VAL A 29 32.15 -6.46 6.88
CA VAL A 29 30.81 -7.00 6.77
C VAL A 29 30.21 -7.31 8.15
N GLU A 30 31.03 -7.79 9.08
CA GLU A 30 30.51 -8.09 10.41
C GLU A 30 29.93 -6.83 11.04
N TYR A 31 30.62 -5.71 10.84
CA TYR A 31 30.17 -4.41 11.32
C TYR A 31 28.79 -4.05 10.75
N ILE A 32 28.60 -4.33 9.46
CA ILE A 32 27.31 -4.11 8.79
C ILE A 32 26.24 -5.03 9.37
N GLN A 33 26.59 -6.31 9.56
CA GLN A 33 25.65 -7.26 10.10
C GLN A 33 25.21 -6.85 11.51
N ARG A 34 26.17 -6.38 12.30
CA ARG A 34 25.91 -5.99 13.68
C ARG A 34 25.15 -4.67 13.86
N GLY A 35 25.44 -3.68 13.01
CA GLY A 35 24.87 -2.34 13.17
C GLY A 35 23.86 -1.89 12.13
N GLY A 36 23.82 -2.58 11.00
CA GLY A 36 22.88 -2.25 9.92
C GLY A 36 23.19 -0.96 9.16
N LEU A 37 24.42 -0.47 9.30
CA LEU A 37 24.85 0.80 8.70
C LEU A 37 23.87 1.96 9.01
N ARG A 38 23.62 2.18 10.30
CA ARG A 38 22.65 3.18 10.74
C ARG A 38 23.30 4.50 11.17
N ASP A 39 24.62 4.49 11.36
CA ASP A 39 25.34 5.68 11.82
C ASP A 39 26.23 6.28 10.73
N PRO A 40 26.18 7.61 10.56
CA PRO A 40 27.13 8.25 9.66
C PRO A 40 28.54 8.00 10.18
N LEU A 41 29.48 7.75 9.26
CA LEU A 41 30.85 7.37 9.59
C LEU A 41 31.84 8.30 8.95
N ILE A 42 32.88 8.68 9.69
CA ILE A 42 34.01 9.37 9.09
C ILE A 42 35.25 8.55 9.36
N PHE A 43 36.03 8.37 8.29
CA PHE A 43 37.35 7.76 8.35
C PHE A 43 38.34 8.86 8.01
N LYS A 44 39.07 9.33 9.02
CA LYS A 44 40.00 10.43 8.81
C LYS A 44 41.19 10.07 7.91
N ASN A 45 41.56 8.79 7.88
CA ASN A 45 42.48 8.30 6.86
C ASN A 45 41.93 7.05 6.22
N SER A 46 42.49 6.69 5.07
CA SER A 46 41.93 5.66 4.21
C SER A 46 42.44 4.25 4.53
N ASP A 47 43.35 4.13 5.49
CA ASP A 47 43.92 2.83 5.84
C ASP A 47 42.86 1.77 6.10
N GLY A 48 42.98 0.64 5.41
CA GLY A 48 42.11 -0.50 5.64
C GLY A 48 40.77 -0.46 4.90
N LEU A 49 40.49 0.63 4.21
CA LEU A 49 39.21 0.77 3.48
C LEU A 49 39.22 0.10 2.11
N GLY A 50 40.40 -0.06 1.53
CA GLY A 50 40.51 -0.68 0.21
C GLY A 50 40.18 0.26 -0.95
N ILE A 51 40.19 1.56 -0.69
CA ILE A 51 39.93 2.53 -1.75
C ILE A 51 41.19 2.77 -2.59
N LYS A 52 40.96 3.25 -3.81
CA LYS A 52 42.00 3.76 -4.67
C LYS A 52 41.44 5.00 -5.36
N MET A 53 42.31 5.98 -5.55
CA MET A 53 41.92 7.26 -6.12
C MET A 53 42.93 7.64 -7.19
N PRO A 54 42.59 8.63 -8.04
CA PRO A 54 43.52 9.08 -9.07
C PRO A 54 44.78 9.73 -8.50
N ASP A 55 45.72 10.02 -9.40
CA ASP A 55 46.86 10.91 -9.11
C ASP A 55 46.39 12.05 -8.21
N PRO A 56 47.14 12.36 -7.15
CA PRO A 56 46.70 13.41 -6.22
C PRO A 56 46.47 14.79 -6.87
N ASP A 57 47.22 15.10 -7.92
CA ASP A 57 47.08 16.38 -8.64
C ASP A 57 46.22 16.24 -9.91
N PHE A 58 45.36 15.23 -9.95
CA PHE A 58 44.42 15.02 -11.05
C PHE A 58 43.53 16.26 -11.18
N THR A 59 43.32 16.73 -12.41
CA THR A 59 42.60 17.98 -12.62
C THR A 59 41.25 17.71 -13.27
N VAL A 60 40.41 18.73 -13.28
CA VAL A 60 39.15 18.66 -13.99
C VAL A 60 39.41 18.40 -15.48
N ASN A 61 40.46 18.99 -16.03
CA ASN A 61 40.80 18.69 -17.43
C ASN A 61 41.14 17.21 -17.68
N ASP A 62 41.79 16.57 -16.72
CA ASP A 62 42.07 15.14 -16.81
C ASP A 62 40.76 14.34 -16.79
N VAL A 63 39.82 14.77 -15.94
CA VAL A 63 38.49 14.14 -15.93
C VAL A 63 37.85 14.26 -17.31
N LYS A 64 37.90 15.46 -17.88
CA LYS A 64 37.35 15.73 -19.21
C LYS A 64 37.89 14.75 -20.25
N MET A 65 39.20 14.56 -20.26
CA MET A 65 39.78 13.66 -21.25
C MET A 65 39.35 12.21 -21.04
N CYS A 66 39.12 11.81 -19.78
CA CYS A 66 38.61 10.47 -19.50
C CYS A 66 37.19 10.27 -19.97
N VAL A 67 36.32 11.23 -19.70
CA VAL A 67 34.90 11.04 -19.96
C VAL A 67 34.44 11.54 -21.33
N GLY A 68 35.24 12.39 -21.98
CA GLY A 68 34.89 12.94 -23.28
C GLY A 68 34.55 14.42 -23.21
N SER A 69 35.24 15.21 -24.03
CA SER A 69 35.04 16.65 -24.07
C SER A 69 33.62 17.06 -24.44
N ARG A 70 32.98 16.25 -25.27
CA ARG A 70 31.65 16.58 -25.74
C ARG A 70 30.54 15.91 -24.93
N ARG A 71 30.91 15.15 -23.90
CA ARG A 71 29.89 14.59 -23.00
C ARG A 71 29.06 15.68 -22.33
N MET A 72 27.74 15.56 -22.40
CA MET A 72 26.86 16.48 -21.70
C MET A 72 26.85 16.15 -20.21
N VAL A 73 27.06 17.17 -19.38
CA VAL A 73 27.11 17.01 -17.92
C VAL A 73 25.98 17.82 -17.30
N ASP A 74 25.31 17.22 -16.31
CA ASP A 74 24.31 17.92 -15.52
C ASP A 74 25.01 18.82 -14.53
N VAL A 75 24.63 20.10 -14.53
CA VAL A 75 25.22 21.11 -13.67
C VAL A 75 24.10 21.73 -12.82
N MET A 76 24.43 22.09 -11.59
CA MET A 76 23.50 22.79 -10.71
C MET A 76 23.81 24.28 -10.72
N ASP A 77 22.79 25.07 -10.98
CA ASP A 77 22.81 26.50 -10.68
C ASP A 77 22.61 26.63 -9.17
N VAL A 78 23.63 27.09 -8.45
CA VAL A 78 23.61 27.09 -7.00
C VAL A 78 22.52 28.02 -6.45
N ASN A 79 22.33 29.17 -7.10
CA ASN A 79 21.39 30.16 -6.60
C ASN A 79 19.93 29.67 -6.62
N THR A 80 19.56 28.95 -7.67
CA THR A 80 18.19 28.44 -7.81
C THR A 80 18.05 26.95 -7.46
N GLN A 81 19.18 26.24 -7.38
CA GLN A 81 19.19 24.78 -7.22
C GLN A 81 18.53 24.04 -8.39
N LYS A 82 18.34 24.73 -9.52
CA LYS A 82 17.82 24.08 -10.73
C LYS A 82 18.96 23.44 -11.51
N GLY A 83 18.61 22.48 -12.36
CA GLY A 83 19.58 21.79 -13.22
C GLY A 83 19.70 22.44 -14.59
N ILE A 84 20.94 22.60 -15.05
CA ILE A 84 21.23 22.95 -16.43
C ILE A 84 22.20 21.91 -17.01
N GLU A 85 22.49 22.02 -18.30
CA GLU A 85 23.42 21.10 -18.97
C GLU A 85 24.46 21.87 -19.78
N MET A 86 25.66 21.29 -19.86
CA MET A 86 26.70 21.80 -20.73
C MET A 86 27.67 20.65 -21.01
N THR A 87 28.57 20.82 -21.97
CA THR A 87 29.51 19.75 -22.27
C THR A 87 30.62 19.79 -21.24
N MET A 88 31.34 18.69 -21.14
CA MET A 88 32.42 18.58 -20.17
C MET A 88 33.55 19.57 -20.48
N ALA A 89 33.78 19.84 -21.77
CA ALA A 89 34.77 20.88 -22.13
C ALA A 89 34.34 22.27 -21.61
N GLN A 90 33.06 22.58 -21.74
CA GLN A 90 32.56 23.86 -21.26
C GLN A 90 32.63 23.94 -19.73
N TRP A 91 32.25 22.85 -19.08
CA TRP A 91 32.36 22.77 -17.61
C TRP A 91 33.80 22.97 -17.18
N THR A 92 34.73 22.29 -17.84
CA THR A 92 36.15 22.42 -17.54
C THR A 92 36.63 23.86 -17.70
N ARG A 93 36.22 24.52 -18.77
CA ARG A 93 36.54 25.94 -18.99
C ARG A 93 36.02 26.79 -17.83
N TYR A 94 34.78 26.54 -17.42
CA TYR A 94 34.21 27.21 -16.26
C TYR A 94 35.05 26.99 -15.01
N TYR A 95 35.42 25.75 -14.73
CA TYR A 95 36.18 25.42 -13.54
C TYR A 95 37.56 26.09 -13.57
N GLU A 96 38.12 26.24 -14.78
CA GLU A 96 39.43 26.86 -14.97
C GLU A 96 39.38 28.37 -15.05
N THR A 97 38.17 28.94 -15.13
CA THR A 97 38.00 30.39 -15.22
C THR A 97 38.32 31.04 -13.86
N PRO A 98 39.08 32.15 -13.87
CA PRO A 98 39.29 32.84 -12.58
C PRO A 98 37.97 33.18 -11.88
N GLU A 99 37.96 33.06 -10.55
CA GLU A 99 36.77 33.30 -9.72
C GLU A 99 36.05 34.60 -10.09
N GLU A 100 36.80 35.69 -10.14
CA GLU A 100 36.25 37.02 -10.46
C GLU A 100 35.52 37.10 -11.80
N GLU A 101 35.90 36.25 -12.75
CA GLU A 101 35.35 36.29 -14.10
C GLU A 101 34.19 35.30 -14.30
N ARG A 102 33.83 34.55 -13.26
CA ARG A 102 32.69 33.64 -13.32
C ARG A 102 31.43 34.37 -12.87
N GLU A 103 30.55 34.69 -13.82
CA GLU A 103 29.36 35.46 -13.50
C GLU A 103 28.24 34.65 -12.81
N LYS A 104 28.40 33.33 -12.72
CA LYS A 104 27.46 32.48 -11.98
C LYS A 104 28.17 31.41 -11.15
N LEU A 105 27.47 30.94 -10.11
CA LEU A 105 27.97 29.85 -9.27
C LEU A 105 27.38 28.54 -9.76
N TYR A 106 28.23 27.63 -10.23
CA TYR A 106 27.79 26.32 -10.72
C TYR A 106 28.51 25.20 -10.00
N ASN A 107 27.82 24.06 -9.87
CA ASN A 107 28.31 22.88 -9.15
C ASN A 107 28.05 21.65 -10.01
N VAL A 108 28.97 20.70 -10.05
CA VAL A 108 28.70 19.38 -10.64
C VAL A 108 28.79 18.31 -9.55
N ILE A 109 27.66 17.67 -9.30
CA ILE A 109 27.58 16.62 -8.31
C ILE A 109 27.17 15.28 -8.89
N SER A 110 26.93 15.22 -10.21
CA SER A 110 26.29 14.07 -10.82
C SER A 110 26.98 13.50 -12.06
N LEU A 111 28.30 13.63 -12.16
CA LEU A 111 29.04 13.02 -13.28
C LEU A 111 29.39 11.56 -12.99
N GLU A 112 28.54 10.64 -13.47
CA GLU A 112 28.79 9.22 -13.24
C GLU A 112 29.71 8.69 -14.36
N PHE A 113 30.89 8.20 -13.97
CA PHE A 113 31.99 7.93 -14.89
C PHE A 113 32.33 6.44 -15.08
N SER A 114 31.44 5.55 -14.68
CA SER A 114 31.61 4.15 -15.01
C SER A 114 31.68 3.98 -16.54
N HIS A 115 32.47 2.99 -16.97
CA HIS A 115 32.66 2.66 -18.40
C HIS A 115 33.39 3.76 -19.17
N THR A 116 34.27 4.45 -18.43
CA THR A 116 35.25 5.35 -19.00
C THR A 116 36.58 4.96 -18.40
N ARG A 117 37.65 5.51 -18.95
CA ARG A 117 38.99 5.31 -18.43
C ARG A 117 39.14 5.71 -16.94
N LEU A 118 38.27 6.60 -16.46
CA LEU A 118 38.35 7.08 -15.08
C LEU A 118 37.93 5.96 -14.11
N GLU A 119 37.08 5.05 -14.58
CA GLU A 119 36.49 4.09 -13.67
C GLU A 119 37.52 3.22 -12.95
N ASN A 120 38.57 2.82 -13.66
CA ASN A 120 39.60 1.94 -13.06
C ASN A 120 40.52 2.67 -12.09
N MET A 121 40.52 4.00 -12.14
CA MET A 121 41.37 4.82 -11.27
C MET A 121 40.75 5.06 -9.88
N VAL A 122 39.47 4.71 -9.73
CA VAL A 122 38.74 4.90 -8.48
C VAL A 122 38.18 3.56 -8.04
N GLN A 123 38.57 3.11 -6.85
CA GLN A 123 38.00 1.91 -6.25
C GLN A 123 37.24 2.31 -4.98
N ARG A 124 36.01 1.81 -4.85
CA ARG A 124 35.18 2.08 -3.68
C ARG A 124 35.71 1.30 -2.46
N PRO A 125 35.25 1.67 -1.26
CA PRO A 125 35.62 0.82 -0.12
C PRO A 125 35.20 -0.63 -0.31
N SER A 126 36.09 -1.56 0.03
CA SER A 126 35.85 -3.01 -0.11
C SER A 126 34.51 -3.47 0.43
N THR A 127 34.14 -2.94 1.60
CA THR A 127 32.92 -3.34 2.26
C THR A 127 31.70 -2.96 1.44
N VAL A 128 31.79 -1.82 0.75
CA VAL A 128 30.68 -1.40 -0.12
C VAL A 128 30.50 -2.45 -1.23
N ASP A 129 31.60 -2.90 -1.81
CA ASP A 129 31.52 -3.96 -2.85
C ASP A 129 30.84 -5.26 -2.39
N PHE A 130 31.02 -5.63 -1.11
CA PHE A 130 30.40 -6.82 -0.55
C PHE A 130 28.90 -6.71 -0.38
N ILE A 131 28.40 -5.50 -0.15
CA ILE A 131 26.98 -5.32 0.21
C ILE A 131 26.12 -4.60 -0.83
N ASP A 132 26.73 -3.91 -1.78
CA ASP A 132 25.97 -3.14 -2.78
C ASP A 132 25.05 -4.06 -3.59
N TRP A 133 23.78 -3.71 -3.68
CA TRP A 133 22.86 -4.47 -4.49
C TRP A 133 23.26 -4.57 -5.98
N VAL A 134 23.86 -3.52 -6.54
CA VAL A 134 24.19 -3.55 -7.98
C VAL A 134 25.18 -4.66 -8.24
N ASP A 135 26.25 -4.70 -7.44
CA ASP A 135 27.29 -5.71 -7.65
C ASP A 135 26.85 -7.12 -7.30
N ASN A 136 25.92 -7.29 -6.36
CA ASN A 136 25.64 -8.61 -5.81
C ASN A 136 24.27 -9.18 -6.19
N MET A 137 23.37 -8.35 -6.71
CA MET A 137 22.00 -8.77 -7.01
C MET A 137 21.63 -8.64 -8.46
N TRP A 138 22.07 -7.55 -9.12
CA TRP A 138 21.67 -7.31 -10.49
C TRP A 138 22.32 -8.38 -11.40
N PRO A 139 21.56 -8.92 -12.38
CA PRO A 139 22.16 -9.91 -13.27
C PRO A 139 23.47 -9.42 -13.90
N ARG A 140 24.51 -10.23 -13.76
CA ARG A 140 25.87 -9.79 -14.07
C ARG A 140 26.08 -9.55 -15.54
N HIS A 141 25.48 -10.38 -16.40
CA HIS A 141 25.64 -10.19 -17.84
C HIS A 141 25.01 -8.88 -18.31
N LEU A 142 23.94 -8.44 -17.64
CA LEU A 142 23.36 -7.14 -17.94
C LEU A 142 24.33 -6.03 -17.55
N LYS A 143 24.85 -6.08 -16.33
CA LYS A 143 25.76 -5.04 -15.87
C LYS A 143 27.00 -4.98 -16.77
N GLU A 144 27.56 -6.15 -17.09
CA GLU A 144 28.75 -6.21 -17.96
C GLU A 144 28.49 -5.68 -19.37
N SER A 145 27.24 -5.71 -19.82
CA SER A 145 26.90 -5.29 -21.17
C SER A 145 26.91 -3.78 -21.37
N GLN A 146 26.91 -3.02 -20.28
CA GLN A 146 26.84 -1.57 -20.36
C GLN A 146 28.02 -0.98 -21.12
N THR A 147 27.71 -0.27 -22.21
CA THR A 147 28.71 0.46 -23.01
C THR A 147 28.60 1.97 -22.85
N GLU A 148 27.38 2.47 -22.67
CA GLU A 148 27.13 3.90 -22.57
C GLU A 148 27.69 4.44 -21.25
N SER A 149 28.56 5.45 -21.36
CA SER A 149 29.18 6.05 -20.20
C SER A 149 28.36 7.22 -19.65
N THR A 150 27.36 7.68 -20.39
CA THR A 150 26.40 8.67 -19.86
C THR A 150 25.30 7.94 -19.09
N ASN A 151 24.40 8.71 -18.48
CA ASN A 151 23.26 8.11 -17.79
C ASN A 151 21.97 8.17 -18.60
N ALA A 152 22.12 8.12 -19.91
CA ALA A 152 20.97 7.96 -20.81
C ALA A 152 20.19 6.70 -20.44
N ILE A 153 18.93 6.86 -20.07
CA ILE A 153 18.16 5.77 -19.50
C ILE A 153 17.88 4.65 -20.51
N LEU A 154 17.68 4.99 -21.78
CA LEU A 154 17.35 3.96 -22.79
C LEU A 154 18.52 3.03 -23.10
N GLU A 155 19.75 3.48 -22.84
CA GLU A 155 20.95 2.66 -22.98
C GLU A 155 21.37 1.99 -21.67
N MET A 156 20.70 2.31 -20.57
CA MET A 156 21.15 1.88 -19.24
C MET A 156 20.70 0.45 -18.96
N GLN A 157 21.66 -0.41 -18.65
CA GLN A 157 21.40 -1.84 -18.50
C GLN A 157 21.33 -2.29 -17.05
N TYR A 158 21.64 -1.39 -16.12
CA TYR A 158 21.63 -1.66 -14.68
C TYR A 158 21.58 -0.27 -14.01
N PRO A 159 21.37 -0.21 -12.69
CA PRO A 159 21.33 1.10 -12.04
C PRO A 159 22.71 1.74 -11.97
N LYS A 160 22.96 2.67 -12.89
CA LYS A 160 24.28 3.25 -13.06
C LYS A 160 24.48 4.42 -12.08
N VAL A 161 24.71 4.08 -10.81
CA VAL A 161 24.82 5.08 -9.73
C VAL A 161 26.02 4.83 -8.81
N GLN A 162 26.99 4.07 -9.29
CA GLN A 162 28.09 3.62 -8.43
C GLN A 162 29.25 4.58 -8.24
N LYS A 163 29.63 5.32 -9.29
CA LYS A 163 30.87 6.08 -9.25
C LYS A 163 30.67 7.46 -9.86
N TYR A 164 30.64 8.46 -9.00
CA TYR A 164 30.42 9.84 -9.40
C TYR A 164 31.64 10.69 -9.08
N CYS A 165 31.87 11.68 -9.93
CA CYS A 165 32.89 12.69 -9.73
C CYS A 165 32.16 13.99 -9.44
N LEU A 166 32.48 14.63 -8.33
CA LEU A 166 31.89 15.90 -7.98
C LEU A 166 32.98 16.99 -8.06
N MET A 167 32.64 18.07 -8.76
CA MET A 167 33.55 19.17 -8.98
C MET A 167 32.84 20.44 -8.56
N SER A 168 33.35 21.05 -7.48
CA SER A 168 32.67 22.15 -6.82
C SER A 168 33.60 23.33 -6.60
N VAL A 169 33.19 24.50 -7.06
CA VAL A 169 33.98 25.69 -6.85
C VAL A 169 33.65 26.30 -5.47
N ARG A 170 34.59 27.07 -4.95
CA ARG A 170 34.42 27.81 -3.70
C ARG A 170 33.06 28.50 -3.66
N GLY A 171 32.33 28.30 -2.58
CA GLY A 171 31.02 28.92 -2.43
C GLY A 171 29.82 28.10 -2.84
N CYS A 172 30.04 26.96 -3.51
CA CYS A 172 28.91 26.08 -3.86
C CYS A 172 28.12 25.63 -2.64
N TYR A 173 26.82 25.44 -2.84
CA TYR A 173 25.92 24.96 -1.81
C TYR A 173 24.89 24.06 -2.47
N THR A 174 24.69 22.90 -1.85
CA THR A 174 23.63 21.99 -2.23
C THR A 174 22.68 21.92 -1.04
N ASP A 175 21.42 22.24 -1.26
CA ASP A 175 20.44 22.38 -0.20
C ASP A 175 20.04 21.01 0.31
N PHE A 176 19.37 20.99 1.46
CA PHE A 176 18.94 19.75 2.11
C PHE A 176 18.19 18.82 1.18
N HIS A 177 18.59 17.55 1.22
CA HIS A 177 17.96 16.54 0.40
C HIS A 177 18.29 15.19 0.99
N VAL A 178 17.56 14.18 0.55
CA VAL A 178 17.84 12.79 0.88
C VAL A 178 18.23 12.12 -0.43
N ASP A 179 19.33 11.37 -0.43
CA ASP A 179 19.79 10.76 -1.68
C ASP A 179 18.81 9.74 -2.25
N PHE A 180 18.84 9.61 -3.58
CA PHE A 180 17.73 8.95 -4.26
C PHE A 180 17.53 7.50 -3.84
N GLY A 181 16.26 7.10 -3.77
CA GLY A 181 15.89 5.74 -3.41
C GLY A 181 16.27 5.30 -2.01
N GLY A 182 16.64 6.24 -1.15
CA GLY A 182 17.16 5.92 0.16
C GLY A 182 18.53 5.27 0.10
N THR A 183 19.29 5.56 -0.95
CA THR A 183 20.64 5.02 -1.04
C THR A 183 21.49 5.56 0.08
N SER A 184 22.39 4.71 0.53
CA SER A 184 23.54 5.12 1.31
C SER A 184 24.60 5.67 0.38
N VAL A 185 25.51 6.47 0.92
CA VAL A 185 26.47 7.17 0.10
C VAL A 185 27.82 7.11 0.77
N TRP A 186 28.86 6.90 -0.04
CA TRP A 186 30.24 7.09 0.38
C TRP A 186 30.82 8.26 -0.40
N TYR A 187 31.75 8.98 0.21
CA TYR A 187 32.22 10.24 -0.30
C TYR A 187 33.70 10.34 0.09
N HIS A 188 34.60 10.52 -0.87
CA HIS A 188 36.03 10.69 -0.55
C HIS A 188 36.52 12.06 -1.00
N ILE A 189 37.08 12.83 -0.07
CA ILE A 189 37.53 14.17 -0.39
C ILE A 189 38.92 14.04 -0.98
N HIS A 190 38.99 14.01 -2.29
CA HIS A 190 40.26 13.83 -2.97
C HIS A 190 41.11 15.08 -2.84
N GLN A 191 40.50 16.23 -3.12
CA GLN A 191 41.17 17.53 -3.02
C GLN A 191 40.17 18.53 -2.49
N GLY A 192 40.57 19.33 -1.51
CA GLY A 192 39.74 20.41 -0.97
C GLY A 192 39.06 20.08 0.34
N GLY A 193 37.81 20.48 0.48
CA GLY A 193 37.02 20.15 1.68
C GLY A 193 35.55 20.47 1.53
N LYS A 194 34.75 19.94 2.45
CA LYS A 194 33.31 20.13 2.42
C LYS A 194 32.79 20.37 3.83
N VAL A 195 31.67 21.07 3.91
CA VAL A 195 30.92 21.24 5.16
C VAL A 195 29.54 20.64 4.96
N PHE A 196 29.18 19.68 5.80
CA PHE A 196 27.85 19.06 5.77
C PHE A 196 27.01 19.51 6.97
N TRP A 197 25.71 19.71 6.75
CA TRP A 197 24.74 19.79 7.83
C TRP A 197 23.94 18.50 7.77
N LEU A 198 23.81 17.82 8.91
CA LEU A 198 23.18 16.49 8.95
C LEU A 198 21.94 16.49 9.85
N ILE A 199 20.84 15.93 9.35
CA ILE A 199 19.60 15.80 10.09
C ILE A 199 19.19 14.32 10.04
N PRO A 200 18.97 13.71 11.22
CA PRO A 200 18.66 12.28 11.28
C PRO A 200 17.25 11.95 10.76
N PRO A 201 17.08 10.76 10.18
CA PRO A 201 15.79 10.37 9.59
C PRO A 201 14.76 9.86 10.59
N THR A 202 14.44 10.67 11.61
CA THR A 202 13.35 10.33 12.52
C THR A 202 12.03 10.50 11.77
N ALA A 203 10.98 9.90 12.29
CA ALA A 203 9.68 10.02 11.64
C ALA A 203 9.28 11.49 11.51
N HIS A 204 9.50 12.25 12.57
CA HIS A 204 9.18 13.67 12.57
C HIS A 204 10.01 14.47 11.57
N ASN A 205 11.33 14.26 11.57
CA ASN A 205 12.17 14.96 10.60
C ASN A 205 11.83 14.60 9.16
N LEU A 206 11.50 13.34 8.89
CA LEU A 206 11.11 12.94 7.53
C LEU A 206 9.78 13.58 7.16
N GLU A 207 8.86 13.72 8.13
CA GLU A 207 7.59 14.42 7.88
C GLU A 207 7.85 15.87 7.53
N LEU A 208 8.73 16.52 8.29
CA LEU A 208 9.09 17.92 8.03
C LEU A 208 9.72 18.08 6.67
N TYR A 209 10.64 17.16 6.37
CA TYR A 209 11.35 17.18 5.10
C TYR A 209 10.38 17.08 3.94
N GLU A 210 9.44 16.14 4.03
CA GLU A 210 8.45 15.96 2.99
C GLU A 210 7.56 17.20 2.86
N ASN A 211 7.13 17.75 3.99
CA ASN A 211 6.31 18.96 3.94
C ASN A 211 7.07 20.12 3.33
N TRP A 212 8.35 20.22 3.68
CA TRP A 212 9.23 21.23 3.11
C TRP A 212 9.33 21.12 1.59
N LEU A 213 9.52 19.90 1.09
CA LEU A 213 9.49 19.62 -0.35
C LEU A 213 8.19 20.04 -1.03
N LEU A 214 7.07 19.78 -0.37
CA LEU A 214 5.74 20.09 -0.91
C LEU A 214 5.31 21.56 -0.74
N SER A 215 6.03 22.30 0.09
CA SER A 215 5.61 23.66 0.49
C SER A 215 5.89 24.77 -0.54
N GLY A 216 6.90 24.57 -1.39
CA GLY A 216 7.32 25.60 -2.34
C GLY A 216 7.99 26.78 -1.66
N LYS A 217 8.62 26.53 -0.53
CA LYS A 217 9.24 27.57 0.30
C LYS A 217 10.65 27.14 0.73
N GLN A 218 11.34 26.42 -0.16
CA GLN A 218 12.59 25.72 0.18
C GLN A 218 13.81 26.63 0.17
N GLY A 219 13.91 27.49 -0.83
CA GLY A 219 14.91 28.56 -0.85
C GLY A 219 14.63 29.52 0.28
N ASP A 220 13.37 29.57 0.71
CA ASP A 220 12.92 30.46 1.77
C ASP A 220 13.24 29.97 3.19
N ILE A 221 13.41 28.66 3.37
CA ILE A 221 13.57 28.06 4.72
C ILE A 221 14.85 27.21 4.81
N PHE A 222 15.68 27.44 5.82
CA PHE A 222 16.87 26.59 6.10
C PHE A 222 16.43 25.47 7.02
N LEU A 223 16.43 24.25 6.51
CA LEU A 223 15.78 23.15 7.20
C LEU A 223 16.44 22.83 8.51
N GLY A 224 17.74 23.11 8.62
CA GLY A 224 18.48 22.88 9.85
C GLY A 224 17.95 23.64 11.05
N ASP A 225 17.33 24.79 10.79
CA ASP A 225 16.73 25.60 11.86
C ASP A 225 15.30 25.18 12.22
N ARG A 226 14.73 24.22 11.51
CA ARG A 226 13.36 23.80 11.75
C ARG A 226 13.30 22.50 12.57
N VAL A 227 14.46 21.92 12.84
CA VAL A 227 14.54 20.64 13.54
C VAL A 227 15.22 20.79 14.90
N SER A 228 15.00 19.79 15.74
CA SER A 228 15.49 19.83 17.11
C SER A 228 17.00 19.71 17.21
N ASP A 229 17.60 18.88 16.37
CA ASP A 229 19.03 18.61 16.48
C ASP A 229 19.61 18.43 15.08
N CYS A 230 20.71 19.11 14.81
CA CYS A 230 21.35 19.11 13.51
C CYS A 230 22.82 19.21 13.79
N GLN A 231 23.63 18.46 13.04
CA GLN A 231 25.09 18.53 13.17
C GLN A 231 25.70 19.19 11.94
N ARG A 232 26.52 20.22 12.17
CA ARG A 232 27.36 20.75 11.10
C ARG A 232 28.76 20.20 11.30
N ILE A 233 29.30 19.59 10.27
CA ILE A 233 30.63 18.99 10.38
C ILE A 233 31.45 19.25 9.11
N GLU A 234 32.75 19.48 9.30
CA GLU A 234 33.67 19.71 8.19
C GLU A 234 34.42 18.43 7.82
N LEU A 235 34.46 18.13 6.53
CA LEU A 235 35.26 17.03 6.00
C LEU A 235 36.50 17.60 5.38
N LYS A 236 37.67 17.16 5.85
CA LYS A 236 38.94 17.65 5.36
C LYS A 236 39.46 16.75 4.25
N GLN A 237 40.50 17.20 3.57
CA GLN A 237 41.10 16.43 2.50
C GLN A 237 41.53 15.05 3.00
N GLY A 238 41.25 14.02 2.19
CA GLY A 238 41.59 12.64 2.54
C GLY A 238 40.59 11.89 3.40
N TYR A 239 39.56 12.56 3.91
CA TYR A 239 38.52 11.92 4.70
C TYR A 239 37.63 11.09 3.78
N THR A 240 37.10 10.00 4.32
CA THR A 240 36.02 9.27 3.68
C THR A 240 34.78 9.34 4.58
N PHE A 241 33.63 9.63 3.99
CA PHE A 241 32.43 9.88 4.74
C PHE A 241 31.40 8.88 4.23
N VAL A 242 30.71 8.21 5.13
CA VAL A 242 29.60 7.33 4.75
C VAL A 242 28.32 7.87 5.37
N ILE A 243 27.25 8.01 4.56
CA ILE A 243 25.99 8.56 5.01
C ILE A 243 24.95 7.45 4.88
N PRO A 244 24.23 7.13 5.96
CA PRO A 244 23.22 6.09 5.87
C PRO A 244 21.96 6.51 5.13
N SER A 245 21.17 5.51 4.79
CA SER A 245 19.85 5.70 4.19
C SER A 245 19.00 6.72 4.97
N GLY A 246 18.38 7.63 4.23
CA GLY A 246 17.40 8.58 4.78
C GLY A 246 17.93 9.87 5.36
N TRP A 247 19.24 9.97 5.59
CA TRP A 247 19.76 11.16 6.24
C TRP A 247 19.59 12.41 5.39
N ILE A 248 18.99 13.42 6.01
CA ILE A 248 18.70 14.67 5.33
C ILE A 248 19.93 15.56 5.48
N HIS A 249 20.49 16.01 4.37
CA HIS A 249 21.75 16.74 4.46
C HIS A 249 21.93 17.81 3.41
N ALA A 250 22.71 18.81 3.78
CA ALA A 250 23.07 19.91 2.90
C ALA A 250 24.57 20.08 2.95
N VAL A 251 25.13 20.66 1.89
CA VAL A 251 26.57 20.65 1.70
C VAL A 251 27.06 21.99 1.16
N TYR A 252 28.11 22.50 1.80
CA TYR A 252 28.75 23.73 1.39
C TYR A 252 30.21 23.45 1.04
N THR A 253 30.72 24.14 0.02
CA THR A 253 32.09 23.97 -0.43
C THR A 253 32.92 25.24 -0.14
N PRO A 254 33.80 25.17 0.87
CA PRO A 254 34.58 26.35 1.27
C PRO A 254 35.81 26.64 0.38
N THR A 255 36.20 25.69 -0.47
CA THR A 255 37.31 25.89 -1.40
C THR A 255 37.08 25.02 -2.65
N ASP A 256 37.73 25.34 -3.78
CA ASP A 256 37.63 24.49 -4.97
C ASP A 256 37.96 23.05 -4.60
N THR A 257 37.08 22.09 -4.92
CA THR A 257 37.33 20.71 -4.52
C THR A 257 36.85 19.69 -5.53
N LEU A 258 37.51 18.53 -5.48
CA LEU A 258 37.28 17.41 -6.35
C LEU A 258 36.97 16.24 -5.39
N VAL A 259 35.80 15.63 -5.56
CA VAL A 259 35.34 14.53 -4.70
C VAL A 259 34.97 13.36 -5.58
N PHE A 260 35.19 12.16 -5.07
CA PHE A 260 34.71 10.93 -5.68
C PHE A 260 33.82 10.21 -4.69
N GLY A 261 32.67 9.76 -5.14
CA GLY A 261 31.74 9.12 -4.22
C GLY A 261 30.71 8.35 -5.01
N GLY A 262 29.78 7.75 -4.30
CA GLY A 262 28.77 6.94 -4.97
C GLY A 262 27.67 6.50 -4.05
N ASN A 263 26.62 5.96 -4.66
CA ASN A 263 25.42 5.57 -3.96
C ASN A 263 25.31 4.06 -3.98
N PHE A 264 24.65 3.50 -2.97
CA PHE A 264 24.36 2.07 -2.96
C PHE A 264 23.16 1.77 -2.08
N LEU A 265 22.37 0.78 -2.52
CA LEU A 265 21.40 0.14 -1.67
C LEU A 265 22.02 -1.11 -1.10
N HIS A 266 21.51 -1.55 0.05
CA HIS A 266 21.96 -2.79 0.67
C HIS A 266 20.83 -3.48 1.44
N SER A 267 21.12 -4.68 1.96
CA SER A 267 20.10 -5.56 2.50
C SER A 267 19.78 -5.35 3.96
N PHE A 268 20.49 -4.43 4.62
CA PHE A 268 20.41 -4.27 6.06
C PHE A 268 19.66 -3.02 6.52
N ASN A 269 19.15 -2.22 5.56
CA ASN A 269 18.35 -1.02 5.88
C ASN A 269 17.23 -0.86 4.87
N ILE A 270 16.64 -1.97 4.49
CA ILE A 270 15.57 -1.97 3.50
C ILE A 270 14.35 -1.13 3.90
N PRO A 271 13.86 -1.23 5.16
CA PRO A 271 12.68 -0.41 5.46
C PRO A 271 12.89 1.09 5.18
N MET A 272 14.04 1.64 5.54
CA MET A 272 14.29 3.07 5.30
C MET A 272 14.43 3.35 3.81
N GLN A 273 15.06 2.44 3.08
CA GLN A 273 15.19 2.62 1.63
C GLN A 273 13.79 2.75 0.99
N LEU A 274 12.89 1.89 1.42
CA LEU A 274 11.52 1.92 0.86
C LEU A 274 10.77 3.19 1.31
N LYS A 275 11.04 3.64 2.53
CA LYS A 275 10.42 4.85 3.06
C LYS A 275 10.77 6.04 2.20
N ILE A 276 12.05 6.17 1.87
CA ILE A 276 12.50 7.27 1.05
C ILE A 276 11.91 7.21 -0.35
N TYR A 277 11.87 6.02 -0.96
CA TYR A 277 11.26 5.88 -2.27
C TYR A 277 9.81 6.39 -2.23
N SER A 278 9.08 6.04 -1.19
CA SER A 278 7.68 6.49 -1.10
C SER A 278 7.56 8.02 -0.95
N ILE A 279 8.52 8.67 -0.29
CA ILE A 279 8.54 10.14 -0.19
C ILE A 279 8.70 10.73 -1.59
N GLU A 280 9.60 10.16 -2.38
CA GLU A 280 9.83 10.60 -3.75
C GLU A 280 8.56 10.49 -4.57
N ASP A 281 7.84 9.39 -4.37
CA ASP A 281 6.59 9.16 -5.06
C ASP A 281 5.57 10.25 -4.73
N ARG A 282 5.38 10.49 -3.44
CA ARG A 282 4.37 11.47 -2.97
C ARG A 282 4.70 12.91 -3.32
N THR A 283 5.98 13.25 -3.40
CA THR A 283 6.39 14.62 -3.71
C THR A 283 6.65 14.83 -5.21
N ARG A 284 6.33 13.83 -6.03
CA ARG A 284 6.39 13.93 -7.49
C ARG A 284 7.79 14.29 -8.02
N VAL A 285 8.80 13.65 -7.45
CA VAL A 285 10.15 13.76 -7.99
C VAL A 285 10.20 13.19 -9.40
N PRO A 286 10.71 13.98 -10.37
CA PRO A 286 10.84 13.42 -11.72
C PRO A 286 11.76 12.20 -11.78
N ASN A 287 11.43 11.25 -12.65
CA ASN A 287 12.18 10.01 -12.82
C ASN A 287 13.69 10.20 -12.96
N LYS A 288 14.12 11.25 -13.66
CA LYS A 288 15.55 11.44 -13.89
C LYS A 288 16.38 11.60 -12.62
N PHE A 289 15.77 12.12 -11.54
CA PHE A 289 16.50 12.34 -10.28
C PHE A 289 16.34 11.18 -9.31
N ARG A 290 15.82 10.06 -9.79
CA ARG A 290 15.59 8.90 -8.96
C ARG A 290 16.54 7.74 -9.31
N TYR A 291 16.58 6.77 -8.41
CA TYR A 291 17.37 5.55 -8.61
C TYR A 291 16.77 4.75 -9.77
N PRO A 292 17.56 4.48 -10.82
CA PRO A 292 17.03 3.74 -11.97
C PRO A 292 16.67 2.29 -11.65
N PHE A 293 15.53 1.83 -12.15
CA PHE A 293 15.13 0.44 -12.03
C PHE A 293 15.06 -0.03 -10.55
N TYR A 294 14.47 0.81 -9.69
CA TYR A 294 14.40 0.52 -8.27
C TYR A 294 13.62 -0.75 -7.93
N TYR A 295 12.38 -0.88 -8.39
CA TYR A 295 11.60 -2.07 -8.05
C TYR A 295 12.12 -3.33 -8.77
N GLU A 296 12.64 -3.16 -10.00
CA GLU A 296 13.29 -4.24 -10.72
C GLU A 296 14.38 -4.82 -9.84
N MET A 297 15.20 -3.94 -9.30
CA MET A 297 16.27 -4.38 -8.42
C MET A 297 15.72 -5.14 -7.19
N CYS A 298 14.67 -4.59 -6.56
CA CYS A 298 14.04 -5.25 -5.42
C CYS A 298 13.61 -6.70 -5.73
N TRP A 299 13.01 -6.90 -6.89
CA TRP A 299 12.68 -8.23 -7.36
C TRP A 299 13.89 -9.15 -7.46
N TYR A 300 14.98 -8.63 -8.04
CA TYR A 300 16.20 -9.42 -8.17
C TYR A 300 16.79 -9.75 -6.81
N VAL A 301 16.64 -8.85 -5.84
CA VAL A 301 17.11 -9.10 -4.47
C VAL A 301 16.40 -10.31 -3.84
N LEU A 302 15.08 -10.37 -3.97
CA LEU A 302 14.31 -11.50 -3.45
C LEU A 302 14.76 -12.79 -4.10
N GLU A 303 14.95 -12.75 -5.41
CA GLU A 303 15.37 -13.95 -6.14
C GLU A 303 16.73 -14.44 -5.66
N ARG A 304 17.67 -13.50 -5.48
CA ARG A 304 19.01 -13.87 -5.02
C ARG A 304 18.98 -14.52 -3.62
N TYR A 305 18.17 -13.97 -2.73
CA TYR A 305 18.08 -14.52 -1.37
C TYR A 305 17.51 -15.93 -1.38
N VAL A 306 16.43 -16.14 -2.13
CA VAL A 306 15.83 -17.47 -2.22
C VAL A 306 16.86 -18.45 -2.84
N TYR A 307 17.57 -18.00 -3.87
CA TYR A 307 18.51 -18.89 -4.56
C TYR A 307 19.69 -19.25 -3.70
N CYS A 308 20.29 -18.25 -3.05
CA CYS A 308 21.50 -18.52 -2.27
C CYS A 308 21.19 -19.38 -1.05
N ILE A 309 19.98 -19.28 -0.52
CA ILE A 309 19.64 -20.02 0.69
C ILE A 309 19.05 -21.39 0.35
N THR A 310 18.23 -21.49 -0.71
CA THR A 310 17.49 -22.73 -1.00
C THR A 310 17.92 -23.45 -2.28
N ASN A 311 18.73 -22.79 -3.11
CA ASN A 311 19.16 -23.35 -4.40
C ASN A 311 18.00 -23.50 -5.39
N ARG A 312 16.89 -22.82 -5.13
CA ARG A 312 15.76 -22.77 -6.05
C ARG A 312 15.79 -21.42 -6.78
N SER A 313 15.86 -21.47 -8.11
CA SER A 313 15.96 -20.26 -8.92
C SER A 313 14.59 -19.78 -9.35
N HIS A 314 14.40 -18.47 -9.36
CA HIS A 314 13.23 -17.86 -9.98
C HIS A 314 13.57 -16.97 -11.18
N LEU A 315 14.75 -17.19 -11.75
CA LEU A 315 15.11 -16.57 -13.01
C LEU A 315 14.67 -17.46 -14.16
N THR A 316 14.46 -16.84 -15.31
CA THR A 316 14.19 -17.60 -16.55
C THR A 316 15.38 -18.53 -16.87
N LYS A 317 15.11 -19.62 -17.60
CA LYS A 317 16.19 -20.52 -18.05
C LYS A 317 17.33 -19.76 -18.71
N ASP A 318 17.00 -18.76 -19.52
CA ASP A 318 18.02 -18.01 -20.28
C ASP A 318 18.90 -17.19 -19.36
N PHE A 319 18.30 -16.59 -18.32
CA PHE A 319 19.08 -15.84 -17.33
C PHE A 319 19.93 -16.79 -16.50
N GLN A 320 19.42 -17.99 -16.18
CA GLN A 320 20.21 -19.00 -15.45
C GLN A 320 21.43 -19.45 -16.26
N LYS A 321 21.25 -19.65 -17.56
CA LYS A 321 22.35 -20.02 -18.45
C LYS A 321 23.38 -18.91 -18.61
N GLU A 322 22.91 -17.66 -18.69
CA GLU A 322 23.82 -16.51 -18.71
C GLU A 322 24.64 -16.48 -17.43
N SER A 323 24.01 -16.79 -16.31
CA SER A 323 24.72 -16.80 -15.02
C SER A 323 25.73 -17.93 -14.92
N LEU A 324 25.37 -19.12 -15.41
CA LEU A 324 26.32 -20.24 -15.42
C LEU A 324 27.52 -19.97 -16.32
N SER A 325 27.28 -19.35 -17.47
CA SER A 325 28.39 -18.93 -18.33
C SER A 325 29.33 -17.98 -17.59
N MET A 326 28.80 -17.04 -16.80
CA MET A 326 29.64 -16.13 -16.00
C MET A 326 30.47 -16.93 -14.99
N ASP A 327 29.84 -17.95 -14.38
CA ASP A 327 30.51 -18.80 -13.37
C ASP A 327 31.66 -19.64 -13.92
N MET A 328 31.59 -20.00 -15.21
CA MET A 328 32.65 -20.80 -15.83
C MET A 328 33.90 -19.99 -16.21
N GLU A 329 33.80 -18.66 -16.16
CA GLU A 329 34.94 -17.79 -16.49
C GLU A 329 36.02 -17.86 -15.41
N GLN B 1 18.05 -23.06 8.18
CA GLN B 1 19.16 -23.29 9.16
C GLN B 1 20.48 -22.56 8.89
N VAL B 2 20.52 -21.66 7.90
CA VAL B 2 21.47 -20.54 7.97
C VAL B 2 20.84 -19.54 8.93
N HIS B 3 21.67 -18.67 9.47
CA HIS B 3 21.20 -17.65 10.42
C HIS B 3 21.34 -16.28 9.78
N LEU B 4 20.21 -15.61 9.55
CA LEU B 4 20.20 -14.23 9.06
C LEU B 4 20.03 -13.25 10.20
N THR B 5 20.47 -12.01 9.96
CA THR B 5 20.26 -10.95 10.94
C THR B 5 18.80 -10.53 10.96
N HIS B 6 18.35 -9.97 12.08
CA HIS B 6 17.01 -9.44 12.12
CA HIS B 6 17.01 -9.42 12.16
C HIS B 6 16.85 -8.30 11.13
N PHE B 7 17.92 -7.51 10.91
CA PHE B 7 17.90 -6.47 9.89
C PHE B 7 17.39 -7.04 8.56
N GLU B 8 17.97 -8.17 8.13
CA GLU B 8 17.58 -8.81 6.88
C GLU B 8 16.19 -9.40 6.93
N LEU B 9 15.88 -10.07 8.04
CA LEU B 9 14.58 -10.71 8.17
C LEU B 9 13.47 -9.67 8.10
N GLU B 10 13.62 -8.56 8.81
CA GLU B 10 12.59 -7.52 8.77
C GLU B 10 12.55 -6.83 7.39
N GLY B 11 13.72 -6.64 6.79
CA GLY B 11 13.81 -5.96 5.50
C GLY B 11 13.18 -6.78 4.38
N LEU B 12 13.44 -8.07 4.39
CA LEU B 12 12.88 -8.94 3.35
C LEU B 12 11.38 -9.03 3.48
N ARG B 13 10.89 -9.07 4.72
CA ARG B 13 9.46 -9.03 4.97
C ARG B 13 8.87 -7.72 4.40
N CYS B 14 9.51 -6.59 4.69
CA CYS B 14 9.06 -5.31 4.15
C CYS B 14 9.04 -5.34 2.62
N LEU B 15 10.06 -5.96 2.02
CA LEU B 15 10.17 -6.04 0.57
C LEU B 15 9.06 -6.86 -0.05
N VAL B 16 8.84 -8.04 0.51
CA VAL B 16 7.76 -8.92 0.07
C VAL B 16 6.42 -8.22 0.09
N ASP B 17 6.11 -7.60 1.22
CA ASP B 17 4.80 -6.98 1.42
C ASP B 17 4.66 -5.84 0.42
N LYS B 18 5.73 -5.07 0.25
CA LYS B 18 5.73 -3.94 -0.69
C LYS B 18 5.44 -4.41 -2.11
N LEU B 19 6.26 -5.32 -2.61
CA LEU B 19 6.20 -5.75 -4.00
C LEU B 19 4.89 -6.44 -4.32
N GLU B 20 4.43 -7.29 -3.40
CA GLU B 20 3.19 -8.01 -3.59
C GLU B 20 1.96 -7.10 -3.70
N SER B 21 2.02 -5.95 -3.03
CA SER B 21 0.92 -5.00 -2.90
CA SER B 21 0.84 -5.08 -2.98
C SER B 21 0.87 -3.94 -3.98
N LEU B 22 1.86 -3.94 -4.87
CA LEU B 22 1.89 -2.96 -5.95
C LEU B 22 0.96 -3.42 -7.06
N PRO B 23 0.27 -2.47 -7.71
CA PRO B 23 -0.54 -2.88 -8.87
C PRO B 23 0.34 -3.33 -10.04
N LEU B 24 -0.21 -4.15 -10.95
CA LEU B 24 0.57 -4.66 -12.07
C LEU B 24 1.33 -3.55 -12.83
N HIS B 25 0.72 -2.39 -13.00
CA HIS B 25 1.34 -1.27 -13.71
C HIS B 25 2.44 -0.53 -12.94
N LYS B 26 2.61 -0.84 -11.66
CA LYS B 26 3.71 -0.29 -10.86
C LYS B 26 4.68 -1.35 -10.34
N LYS B 27 4.36 -2.63 -10.52
CA LYS B 27 5.20 -3.73 -9.99
C LYS B 27 6.62 -3.77 -10.55
N CYS B 28 6.78 -3.41 -11.81
CA CYS B 28 8.09 -3.44 -12.47
C CYS B 28 8.83 -4.78 -12.32
N VAL B 29 8.14 -5.88 -12.57
CA VAL B 29 8.77 -7.20 -12.59
C VAL B 29 9.75 -7.22 -13.78
N PRO B 30 11.03 -7.47 -13.51
CA PRO B 30 12.03 -7.35 -14.56
C PRO B 30 12.09 -8.58 -15.49
N THR B 31 12.68 -8.39 -16.66
CA THR B 31 12.69 -9.40 -17.72
C THR B 31 13.25 -10.75 -17.28
N GLY B 32 14.21 -10.73 -16.36
CA GLY B 32 14.85 -11.96 -15.88
C GLY B 32 14.04 -12.85 -14.96
N ILE B 33 12.98 -12.32 -14.36
CA ILE B 33 12.21 -13.05 -13.37
C ILE B 33 11.14 -13.87 -14.09
N GLU B 34 11.13 -15.16 -13.79
CA GLU B 34 10.15 -16.12 -14.33
C GLU B 34 8.73 -15.84 -13.79
N ASP B 35 8.40 -16.40 -12.63
CA ASP B 35 7.07 -16.29 -12.02
C ASP B 35 7.19 -15.53 -10.70
N GLU B 36 6.85 -14.26 -10.71
CA GLU B 36 6.94 -13.43 -9.50
C GLU B 36 6.06 -13.92 -8.33
N ASP B 37 4.91 -14.52 -8.64
CA ASP B 37 4.04 -15.03 -7.58
C ASP B 37 4.67 -16.22 -6.86
N ALA B 38 5.32 -17.10 -7.60
CA ALA B 38 6.00 -18.24 -6.99
C ALA B 38 7.18 -17.76 -6.18
N LEU B 39 7.83 -16.70 -6.65
CA LEU B 39 8.96 -16.12 -5.92
C LEU B 39 8.49 -15.59 -4.56
N ILE B 40 7.46 -14.77 -4.58
CA ILE B 40 6.86 -14.24 -3.34
C ILE B 40 6.48 -15.36 -2.37
N ALA B 41 5.83 -16.41 -2.88
CA ALA B 41 5.47 -17.55 -2.05
C ALA B 41 6.70 -18.20 -1.40
N ASP B 42 7.78 -18.39 -2.15
CA ASP B 42 9.00 -18.97 -1.62
C ASP B 42 9.64 -18.08 -0.56
N VAL B 43 9.59 -16.75 -0.75
CA VAL B 43 10.19 -15.85 0.25
C VAL B 43 9.46 -16.01 1.58
N LYS B 44 8.14 -16.04 1.53
CA LYS B 44 7.33 -16.19 2.75
C LYS B 44 7.66 -17.48 3.51
N ILE B 45 7.83 -18.59 2.77
CA ILE B 45 8.20 -19.85 3.39
C ILE B 45 9.57 -19.72 4.06
N LEU B 46 10.49 -19.11 3.33
CA LEU B 46 11.84 -18.92 3.82
C LEU B 46 11.87 -18.07 5.10
N LEU B 47 11.10 -16.98 5.10
CA LEU B 47 11.09 -16.09 6.27
C LEU B 47 10.53 -16.78 7.52
N GLU B 48 9.54 -17.65 7.33
CA GLU B 48 9.05 -18.48 8.42
C GLU B 48 10.14 -19.41 8.95
N GLU B 49 10.83 -20.10 8.04
CA GLU B 49 11.89 -21.05 8.43
C GLU B 49 13.08 -20.36 9.10
N LEU B 50 13.38 -19.16 8.65
CA LEU B 50 14.52 -18.41 9.18
C LEU B 50 14.20 -17.52 10.38
N ALA B 51 12.94 -17.50 10.82
CA ALA B 51 12.52 -16.63 11.95
C ALA B 51 13.30 -16.91 13.21
N SER B 52 13.70 -18.16 13.44
CA SER B 52 14.41 -18.50 14.67
C SER B 52 15.93 -18.28 14.60
N SER B 53 16.42 -17.59 13.57
CA SER B 53 17.85 -17.32 13.43
C SER B 53 18.45 -16.83 14.74
N ASP B 54 19.56 -17.40 15.15
CA ASP B 54 20.30 -16.92 16.32
C ASP B 54 21.10 -15.67 15.97
N PRO B 55 20.89 -14.58 16.71
CA PRO B 55 21.59 -13.34 16.39
C PRO B 55 23.12 -13.44 16.38
N LYS B 56 23.71 -14.20 17.30
CA LYS B 56 25.18 -14.29 17.34
C LYS B 56 25.74 -15.11 16.19
N LEU B 57 25.09 -16.22 15.89
CA LEU B 57 25.51 -17.07 14.79
C LEU B 57 25.30 -16.39 13.44
N ALA B 58 24.40 -15.41 13.39
CA ALA B 58 24.23 -14.63 12.16
C ALA B 58 25.42 -13.72 11.84
N LEU B 59 26.25 -13.40 12.84
CA LEU B 59 27.37 -12.50 12.62
C LEU B 59 28.58 -13.25 12.06
N THR B 60 28.42 -13.71 10.83
CA THR B 60 29.42 -14.53 10.15
C THR B 60 30.56 -13.71 9.55
N GLY B 61 30.31 -12.43 9.29
CA GLY B 61 31.29 -11.58 8.62
C GLY B 61 31.37 -11.75 7.12
N VAL B 62 30.44 -12.50 6.52
CA VAL B 62 30.34 -12.53 5.08
C VAL B 62 28.88 -12.60 4.66
N PRO B 63 28.52 -11.90 3.57
CA PRO B 63 27.10 -11.85 3.23
C PRO B 63 26.60 -13.19 2.74
N ILE B 64 25.32 -13.44 3.00
CA ILE B 64 24.61 -14.61 2.50
C ILE B 64 24.55 -14.63 0.98
N VAL B 65 24.34 -13.46 0.40
CA VAL B 65 24.27 -13.33 -1.06
C VAL B 65 25.64 -12.93 -1.58
N GLN B 66 26.27 -13.89 -2.27
CA GLN B 66 27.54 -13.70 -2.96
C GLN B 66 27.49 -14.52 -4.25
N TRP B 67 28.19 -14.07 -5.28
CA TRP B 67 28.25 -14.82 -6.53
C TRP B 67 29.17 -16.01 -6.32
N PRO B 68 28.90 -17.14 -7.03
CA PRO B 68 29.77 -18.31 -6.95
C PRO B 68 31.23 -17.98 -7.28
N ARG C 1 -30.13 20.43 3.09
CA ARG C 1 -29.73 20.06 4.48
C ARG C 1 -29.84 21.25 5.45
N THR C 2 -30.90 21.24 6.26
CA THR C 2 -31.19 22.32 7.20
C THR C 2 -30.35 22.23 8.48
N PHE C 3 -30.06 21.02 8.94
CA PHE C 3 -29.31 20.89 10.20
C PHE C 3 -27.86 21.34 10.03
N ASP C 4 -27.28 21.79 11.14
CA ASP C 4 -25.92 22.30 11.17
C ASP C 4 -24.94 21.15 11.37
N LEU C 5 -24.35 20.69 10.27
CA LEU C 5 -23.47 19.51 10.26
C LEU C 5 -22.26 19.65 11.20
N GLU C 6 -21.64 20.83 11.22
CA GLU C 6 -20.51 21.08 12.13
C GLU C 6 -20.87 20.91 13.61
N GLU C 7 -22.08 21.30 13.98
CA GLU C 7 -22.53 21.15 15.36
C GLU C 7 -22.66 19.65 15.70
N LYS C 8 -23.11 18.87 14.72
CA LYS C 8 -23.23 17.43 14.90
C LYS C 8 -21.86 16.75 15.05
N LEU C 9 -20.81 17.37 14.50
CA LEU C 9 -19.43 16.89 14.64
C LEU C 9 -18.76 17.27 15.97
N GLN C 10 -19.24 18.33 16.61
CA GLN C 10 -18.62 18.86 17.85
C GLN C 10 -19.35 18.51 19.15
N THR C 11 -20.67 18.39 19.09
CA THR C 11 -21.49 18.12 20.28
C THR C 11 -21.08 16.84 21.04
N ASN C 12 -21.48 16.78 22.32
CA ASN C 12 -21.17 15.63 23.17
CA ASN C 12 -21.17 15.63 23.17
C ASN C 12 -22.40 14.75 23.39
N LYS C 13 -23.45 15.01 22.62
CA LYS C 13 -24.72 14.33 22.86
C LYS C 13 -24.81 12.94 22.24
N TYR C 14 -23.94 12.66 21.27
CA TYR C 14 -23.94 11.33 20.63
C TYR C 14 -22.87 10.45 21.29
N ASN C 15 -23.08 10.22 22.59
CA ASN C 15 -22.07 9.61 23.44
C ASN C 15 -22.40 8.20 23.89
N ALA C 16 -23.29 7.52 23.17
CA ALA C 16 -23.55 6.12 23.43
C ALA C 16 -22.25 5.34 23.22
N ASN C 17 -22.17 4.17 23.83
CA ASN C 17 -21.02 3.31 23.65
C ASN C 17 -21.53 1.95 23.18
N PHE C 18 -21.44 1.74 21.86
CA PHE C 18 -21.90 0.51 21.22
C PHE C 18 -20.76 -0.33 20.70
N VAL C 19 -19.65 0.33 20.35
CA VAL C 19 -18.60 -0.31 19.57
C VAL C 19 -17.63 -1.03 20.48
N THR C 20 -17.36 -2.29 20.15
CA THR C 20 -16.34 -3.06 20.82
C THR C 20 -15.05 -3.06 20.01
N PHE C 21 -13.95 -2.69 20.68
CA PHE C 21 -12.64 -2.75 20.08
C PHE C 21 -12.02 -4.11 20.38
N MET C 22 -11.60 -4.79 19.33
CA MET C 22 -11.27 -6.19 19.37
C MET C 22 -9.94 -6.47 18.72
N GLU C 23 -9.33 -7.60 19.09
CA GLU C 23 -8.14 -8.12 18.42
C GLU C 23 -8.56 -9.05 17.27
N GLY C 24 -7.89 -8.95 16.13
CA GLY C 24 -8.22 -9.72 14.94
C GLY C 24 -8.31 -11.22 15.16
N LYS C 25 -7.38 -11.79 15.91
CA LYS C 25 -7.39 -13.24 16.15
C LYS C 25 -8.65 -13.76 16.87
N ASP C 26 -9.34 -12.88 17.57
CA ASP C 26 -10.53 -13.25 18.34
C ASP C 26 -11.81 -13.18 17.51
N PHE C 27 -11.70 -12.60 16.33
CA PHE C 27 -12.84 -12.48 15.41
C PHE C 27 -12.86 -13.73 14.54
N ASN C 28 -13.44 -14.80 15.07
CA ASN C 28 -13.43 -16.08 14.40
C ASN C 28 -14.82 -16.65 14.33
N VAL C 29 -14.94 -17.82 13.73
CA VAL C 29 -16.25 -18.42 13.55
C VAL C 29 -16.90 -18.74 14.89
N GLU C 30 -16.12 -19.23 15.84
CA GLU C 30 -16.67 -19.46 17.18
C GLU C 30 -17.28 -18.19 17.77
N TYR C 31 -16.62 -17.03 17.59
CA TYR C 31 -17.15 -15.76 18.08
C TYR C 31 -18.52 -15.46 17.43
N ILE C 32 -18.63 -15.74 16.14
CA ILE C 32 -19.87 -15.51 15.41
C ILE C 32 -20.96 -16.46 15.92
N GLN C 33 -20.62 -17.73 16.10
CA GLN C 33 -21.57 -18.69 16.65
C GLN C 33 -22.09 -18.35 18.04
N ARG C 34 -21.21 -17.80 18.86
CA ARG C 34 -21.52 -17.46 20.23
CA ARG C 34 -21.55 -17.45 20.25
C ARG C 34 -22.42 -16.22 20.32
N GLY C 35 -22.08 -15.21 19.52
CA GLY C 35 -22.71 -13.90 19.66
C GLY C 35 -23.62 -13.44 18.54
N GLY C 36 -23.56 -14.08 17.38
CA GLY C 36 -24.46 -13.75 16.28
C GLY C 36 -24.13 -12.48 15.51
N LEU C 37 -22.93 -11.96 15.72
CA LEU C 37 -22.47 -10.71 15.08
C LEU C 37 -23.43 -9.54 15.28
N ARG C 38 -23.72 -9.26 16.54
CA ARG C 38 -24.73 -8.24 16.89
C ARG C 38 -24.12 -6.90 17.34
N ASP C 39 -22.80 -6.88 17.54
CA ASP C 39 -22.11 -5.69 18.03
C ASP C 39 -21.19 -5.10 16.96
N PRO C 40 -21.24 -3.78 16.77
CA PRO C 40 -20.27 -3.16 15.88
C PRO C 40 -18.88 -3.36 16.46
N LEU C 41 -17.91 -3.60 15.59
CA LEU C 41 -16.53 -3.94 16.00
C LEU C 41 -15.52 -3.05 15.31
N ILE C 42 -14.50 -2.63 16.05
CA ILE C 42 -13.36 -1.96 15.45
C ILE C 42 -12.11 -2.76 15.76
N PHE C 43 -11.30 -2.95 14.74
CA PHE C 43 -9.98 -3.53 14.82
C PHE C 43 -8.97 -2.43 14.50
N LYS C 44 -8.25 -1.94 15.51
CA LYS C 44 -7.32 -0.83 15.32
C LYS C 44 -6.08 -1.20 14.50
N ASN C 45 -5.71 -2.47 14.49
CA ASN C 45 -4.70 -2.95 13.58
C ASN C 45 -5.22 -4.19 12.87
N SER C 46 -4.54 -4.59 11.80
CA SER C 46 -5.03 -5.66 10.92
C SER C 46 -4.58 -7.05 11.35
N ASP C 47 -3.73 -7.12 12.37
CA ASP C 47 -3.20 -8.43 12.81
C ASP C 47 -4.29 -9.44 13.06
N GLY C 48 -4.12 -10.61 12.45
CA GLY C 48 -4.99 -11.75 12.68
C GLY C 48 -6.32 -11.73 11.96
N LEU C 49 -6.59 -10.67 11.17
CA LEU C 49 -7.87 -10.60 10.40
C LEU C 49 -7.82 -11.37 9.08
N GLY C 50 -6.61 -11.56 8.56
CA GLY C 50 -6.45 -12.19 7.26
C GLY C 50 -6.73 -11.29 6.07
N ILE C 51 -6.74 -9.97 6.27
CA ILE C 51 -6.96 -9.04 5.18
C ILE C 51 -5.68 -8.79 4.37
N LYS C 52 -5.84 -8.27 3.17
CA LYS C 52 -4.74 -7.76 2.37
C LYS C 52 -5.22 -6.50 1.71
N MET C 53 -4.32 -5.54 1.58
CA MET C 53 -4.63 -4.27 0.94
C MET C 53 -3.53 -3.87 -0.01
N PRO C 54 -3.85 -2.97 -0.95
CA PRO C 54 -2.84 -2.41 -1.81
C PRO C 54 -1.79 -1.60 -1.05
N ASP C 55 -0.73 -1.29 -1.76
CA ASP C 55 0.31 -0.38 -1.28
C ASP C 55 -0.28 0.82 -0.51
N PRO C 56 0.35 1.24 0.59
CA PRO C 56 -0.16 2.37 1.37
C PRO C 56 -0.41 3.66 0.61
N ASP C 57 0.38 3.93 -0.43
CA ASP C 57 0.21 5.14 -1.25
C ASP C 57 -0.50 4.89 -2.58
N PHE C 58 -1.23 3.79 -2.66
CA PHE C 58 -2.12 3.53 -3.80
C PHE C 58 -2.95 4.77 -4.07
N THR C 59 -3.07 5.16 -5.33
CA THR C 59 -3.74 6.39 -5.68
C THR C 59 -5.06 6.10 -6.38
N VAL C 60 -5.90 7.12 -6.49
CA VAL C 60 -7.12 6.99 -7.24
C VAL C 60 -6.81 6.74 -8.73
N ASN C 61 -5.72 7.31 -9.25
CA ASN C 61 -5.28 6.94 -10.60
C ASN C 61 -4.91 5.46 -10.72
N ASP C 62 -4.33 4.87 -9.66
CA ASP C 62 -4.11 3.42 -9.64
C ASP C 62 -5.43 2.65 -9.69
N VAL C 63 -6.45 3.14 -8.98
CA VAL C 63 -7.76 2.51 -9.03
C VAL C 63 -8.25 2.59 -10.47
N LYS C 64 -8.11 3.77 -11.09
CA LYS C 64 -8.53 3.97 -12.46
C LYS C 64 -7.85 3.00 -13.41
N MET C 65 -6.53 2.92 -13.30
CA MET C 65 -5.79 2.01 -14.16
C MET C 65 -6.16 0.53 -13.94
N CYS C 66 -6.55 0.17 -12.73
CA CYS C 66 -6.96 -1.20 -12.43
C CYS C 66 -8.37 -1.53 -12.91
N VAL C 67 -9.29 -0.56 -12.89
CA VAL C 67 -10.68 -0.83 -13.29
C VAL C 67 -11.03 -0.33 -14.70
N GLY C 68 -10.23 0.58 -15.24
CA GLY C 68 -10.48 1.11 -16.59
C GLY C 68 -10.92 2.57 -16.57
N SER C 69 -10.22 3.41 -17.33
CA SER C 69 -10.51 4.84 -17.44
C SER C 69 -11.95 5.11 -17.84
N ARG C 70 -12.51 4.26 -18.68
CA ARG C 70 -13.85 4.49 -19.25
C ARG C 70 -14.99 3.89 -18.46
N ARG C 71 -14.68 3.17 -17.39
CA ARG C 71 -15.73 2.59 -16.59
C ARG C 71 -16.61 3.69 -15.97
N MET C 72 -17.91 3.56 -16.14
CA MET C 72 -18.88 4.49 -15.57
C MET C 72 -19.02 4.21 -14.08
N VAL C 73 -18.94 5.27 -13.26
CA VAL C 73 -19.02 5.16 -11.82
C VAL C 73 -20.22 5.96 -11.33
N ASP C 74 -20.96 5.38 -10.38
CA ASP C 74 -22.05 6.07 -9.69
C ASP C 74 -21.42 7.02 -8.69
N VAL C 75 -21.71 8.32 -8.83
CA VAL C 75 -21.15 9.32 -7.93
C VAL C 75 -22.33 9.95 -7.20
N MET C 76 -22.16 10.24 -5.90
CA MET C 76 -23.20 10.93 -5.18
C MET C 76 -22.92 12.42 -5.13
N ASP C 77 -23.91 13.19 -5.53
CA ASP C 77 -23.91 14.62 -5.29
C ASP C 77 -24.25 14.79 -3.83
N VAL C 78 -23.29 15.27 -3.04
CA VAL C 78 -23.45 15.31 -1.59
C VAL C 78 -24.60 16.25 -1.16
N ASN C 79 -24.73 17.39 -1.81
CA ASN C 79 -25.76 18.35 -1.42
C ASN C 79 -27.20 17.86 -1.60
N THR C 80 -27.45 17.08 -2.65
CA THR C 80 -28.79 16.54 -2.90
C THR C 80 -28.94 15.09 -2.41
N GLN C 81 -27.82 14.43 -2.16
CA GLN C 81 -27.75 12.98 -1.92
C GLN C 81 -28.31 12.18 -3.11
N LYS C 82 -28.31 12.79 -4.30
CA LYS C 82 -28.76 12.11 -5.51
C LYS C 82 -27.56 11.64 -6.31
N GLY C 83 -27.78 10.64 -7.15
CA GLY C 83 -26.74 10.03 -7.94
C GLY C 83 -26.52 10.69 -9.28
N ILE C 84 -25.27 10.76 -9.70
CA ILE C 84 -24.91 11.11 -11.08
C ILE C 84 -23.93 10.05 -11.57
N GLU C 85 -23.52 10.16 -12.83
CA GLU C 85 -22.56 9.22 -13.40
C GLU C 85 -21.42 9.98 -14.04
N MET C 86 -20.23 9.42 -13.91
CA MET C 86 -19.09 9.91 -14.66
C MET C 86 -18.12 8.74 -14.81
N THR C 87 -17.19 8.85 -15.75
CA THR C 87 -16.23 7.80 -15.95
C THR C 87 -15.21 7.87 -14.85
N MET C 88 -14.47 6.78 -14.71
CA MET C 88 -13.44 6.69 -13.71
C MET C 88 -12.31 7.69 -13.96
N ALA C 89 -12.01 7.96 -15.23
CA ALA C 89 -11.04 9.00 -15.55
C ALA C 89 -11.49 10.39 -15.07
N GLN C 90 -12.78 10.68 -15.22
CA GLN C 90 -13.32 11.96 -14.79
C GLN C 90 -13.29 12.05 -13.28
N TRP C 91 -13.70 10.99 -12.61
CA TRP C 91 -13.64 10.93 -11.16
C TRP C 91 -12.22 11.18 -10.67
N THR C 92 -11.26 10.53 -11.32
CA THR C 92 -9.84 10.67 -10.94
C THR C 92 -9.37 12.11 -11.02
N ARG C 93 -9.73 12.79 -12.11
CA ARG C 93 -9.45 14.22 -12.29
C ARG C 93 -10.06 15.04 -11.16
N TYR C 94 -11.32 14.78 -10.84
CA TYR C 94 -11.98 15.46 -9.73
C TYR C 94 -11.23 15.22 -8.40
N TYR C 95 -10.91 13.97 -8.12
CA TYR C 95 -10.25 13.61 -6.88
C TYR C 95 -8.88 14.27 -6.79
N GLU C 96 -8.17 14.35 -7.91
CA GLU C 96 -6.84 14.94 -7.96
C GLU C 96 -6.82 16.46 -7.89
N THR C 97 -7.96 17.13 -8.07
CA THR C 97 -7.93 18.60 -8.06
C THR C 97 -7.83 19.09 -6.62
N PRO C 98 -7.05 20.16 -6.40
CA PRO C 98 -6.92 20.73 -5.07
C PRO C 98 -8.29 21.04 -4.45
N GLU C 99 -8.40 20.84 -3.15
CA GLU C 99 -9.65 21.02 -2.43
C GLU C 99 -10.31 22.36 -2.74
N GLU C 100 -9.54 23.44 -2.62
CA GLU C 100 -10.05 24.79 -2.89
C GLU C 100 -10.58 25.00 -4.32
N GLU C 101 -10.11 24.19 -5.27
CA GLU C 101 -10.55 24.27 -6.67
C GLU C 101 -11.72 23.34 -7.04
N ARG C 102 -12.11 22.46 -6.13
CA ARG C 102 -13.30 21.63 -6.36
C ARG C 102 -14.52 22.51 -6.13
N GLU C 103 -15.35 22.67 -7.16
CA GLU C 103 -16.50 23.56 -7.03
C GLU C 103 -17.71 22.83 -6.46
N LYS C 104 -17.84 21.54 -6.80
CA LYS C 104 -18.90 20.71 -6.25
C LYS C 104 -18.35 19.65 -5.31
N LEU C 105 -19.24 19.10 -4.50
CA LEU C 105 -18.89 18.12 -3.49
C LEU C 105 -19.47 16.78 -3.91
N TYR C 106 -18.60 15.84 -4.25
CA TYR C 106 -18.98 14.55 -4.80
C TYR C 106 -18.31 13.40 -4.03
N ASN C 107 -19.00 12.27 -3.95
CA ASN C 107 -18.58 11.09 -3.17
C ASN C 107 -18.75 9.85 -4.05
N VAL C 108 -17.79 8.91 -4.00
CA VAL C 108 -17.99 7.58 -4.60
C VAL C 108 -18.03 6.54 -3.49
N ILE C 109 -19.17 5.88 -3.34
CA ILE C 109 -19.32 4.87 -2.29
C ILE C 109 -19.73 3.50 -2.86
N SER C 110 -19.77 3.37 -4.17
CA SER C 110 -20.39 2.20 -4.76
C SER C 110 -19.64 1.59 -5.93
N LEU C 111 -18.32 1.73 -5.96
CA LEU C 111 -17.51 1.13 -7.03
C LEU C 111 -17.17 -0.31 -6.65
N GLU C 112 -17.91 -1.27 -7.19
CA GLU C 112 -17.70 -2.69 -6.88
C GLU C 112 -16.70 -3.23 -7.90
N PHE C 113 -15.52 -3.65 -7.42
CA PHE C 113 -14.39 -3.92 -8.30
C PHE C 113 -14.04 -5.39 -8.43
N SER C 114 -14.97 -6.27 -8.09
CA SER C 114 -14.78 -7.69 -8.40
C SER C 114 -14.67 -7.86 -9.92
N HIS C 115 -13.85 -8.83 -10.32
CA HIS C 115 -13.59 -9.14 -11.75
C HIS C 115 -12.83 -8.06 -12.50
N THR C 116 -12.05 -7.27 -11.76
CA THR C 116 -11.08 -6.37 -12.32
C THR C 116 -9.72 -6.75 -11.76
N ARG C 117 -8.67 -6.15 -12.32
CA ARG C 117 -7.33 -6.30 -11.77
C ARG C 117 -7.21 -5.89 -10.30
N LEU C 118 -8.11 -5.02 -9.83
CA LEU C 118 -8.05 -4.60 -8.43
C LEU C 118 -8.50 -5.69 -7.47
N GLU C 119 -9.29 -6.66 -7.93
CA GLU C 119 -9.93 -7.60 -7.01
C GLU C 119 -8.97 -8.43 -6.19
N ASN C 120 -7.89 -8.91 -6.80
CA ASN C 120 -6.92 -9.74 -6.08
C ASN C 120 -5.98 -8.94 -5.16
N MET C 121 -6.04 -7.62 -5.21
CA MET C 121 -5.22 -6.78 -4.36
C MET C 121 -5.83 -6.57 -2.97
N VAL C 122 -7.11 -6.92 -2.84
CA VAL C 122 -7.85 -6.71 -1.60
C VAL C 122 -8.41 -8.06 -1.18
N GLN C 123 -8.10 -8.47 0.05
CA GLN C 123 -8.65 -9.69 0.60
C GLN C 123 -9.45 -9.31 1.84
N ARG C 124 -10.69 -9.82 1.90
CA ARG C 124 -11.60 -9.59 3.01
C ARG C 124 -11.12 -10.33 4.26
N PRO C 125 -11.62 -9.93 5.44
CA PRO C 125 -11.33 -10.72 6.64
C PRO C 125 -11.72 -12.18 6.46
N SER C 126 -10.83 -13.08 6.87
CA SER C 126 -11.07 -14.53 6.74
C SER C 126 -12.40 -14.99 7.29
N THR C 127 -12.81 -14.41 8.41
CA THR C 127 -14.07 -14.81 9.04
C THR C 127 -15.23 -14.45 8.14
N VAL C 128 -15.14 -13.32 7.46
CA VAL C 128 -16.22 -12.96 6.52
C VAL C 128 -16.34 -14.03 5.43
N ASP C 129 -15.21 -14.48 4.89
CA ASP C 129 -15.22 -15.53 3.86
C ASP C 129 -15.89 -16.83 4.34
N PHE C 130 -15.74 -17.15 5.62
CA PHE C 130 -16.35 -18.38 6.17
C PHE C 130 -17.88 -18.33 6.26
N ILE C 131 -18.43 -17.14 6.46
CA ILE C 131 -19.86 -16.96 6.77
C ILE C 131 -20.66 -16.30 5.66
N ASP C 132 -20.00 -15.64 4.72
CA ASP C 132 -20.70 -14.92 3.65
C ASP C 132 -21.59 -15.83 2.82
N TRP C 133 -22.85 -15.43 2.65
CA TRP C 133 -23.78 -16.21 1.83
C TRP C 133 -23.34 -16.32 0.36
N VAL C 134 -22.76 -15.26 -0.20
CA VAL C 134 -22.37 -15.30 -1.60
C VAL C 134 -21.32 -16.40 -1.83
N ASP C 135 -20.28 -16.42 -1.03
CA ASP C 135 -19.23 -17.43 -1.22
C ASP C 135 -19.69 -18.86 -0.85
N ASN C 136 -20.58 -18.98 0.12
CA ASN C 136 -20.89 -20.29 0.69
C ASN C 136 -22.22 -20.88 0.27
N MET C 137 -23.09 -20.06 -0.30
CA MET C 137 -24.45 -20.48 -0.66
C MET C 137 -24.81 -20.39 -2.13
N TRP C 138 -24.35 -19.34 -2.81
CA TRP C 138 -24.68 -19.17 -4.21
C TRP C 138 -23.95 -20.24 -5.05
N PRO C 139 -24.64 -20.83 -6.03
CA PRO C 139 -23.99 -21.82 -6.89
C PRO C 139 -22.66 -21.32 -7.44
N ARG C 140 -21.59 -22.05 -7.16
CA ARG C 140 -20.24 -21.59 -7.47
C ARG C 140 -19.99 -21.36 -8.96
N HIS C 141 -20.55 -22.22 -9.81
CA HIS C 141 -20.32 -22.09 -11.23
C HIS C 141 -20.91 -20.79 -11.76
N LEU C 142 -21.96 -20.30 -11.11
CA LEU C 142 -22.53 -19.01 -11.48
C LEU C 142 -21.63 -17.87 -11.07
N LYS C 143 -21.09 -17.91 -9.86
CA LYS C 143 -20.17 -16.87 -9.42
C LYS C 143 -18.91 -16.83 -10.30
N GLU C 144 -18.38 -18.01 -10.63
CA GLU C 144 -17.17 -18.10 -11.44
C GLU C 144 -17.41 -17.61 -12.87
N SER C 145 -18.65 -17.73 -13.34
CA SER C 145 -18.99 -17.30 -14.68
C SER C 145 -18.99 -15.78 -14.88
N GLN C 146 -19.01 -14.99 -13.82
CA GLN C 146 -19.07 -13.53 -13.98
C GLN C 146 -17.86 -12.97 -14.76
N THR C 147 -18.16 -12.30 -15.87
CA THR C 147 -17.16 -11.61 -16.67
C THR C 147 -17.26 -10.08 -16.51
N GLU C 148 -18.48 -9.58 -16.40
CA GLU C 148 -18.74 -8.13 -16.34
C GLU C 148 -18.27 -7.54 -15.02
N SER C 149 -17.44 -6.49 -15.11
CA SER C 149 -16.85 -5.90 -13.91
C SER C 149 -17.65 -4.74 -13.33
N THR C 150 -18.63 -4.23 -14.08
CA THR C 150 -19.59 -3.25 -13.56
C THR C 150 -20.76 -3.97 -12.93
N ASN C 151 -21.72 -3.21 -12.40
CA ASN C 151 -22.90 -3.81 -11.79
C ASN C 151 -24.13 -3.78 -12.69
N ALA C 152 -23.88 -3.86 -14.00
CA ALA C 152 -24.96 -4.02 -14.96
C ALA C 152 -25.77 -5.25 -14.59
N ILE C 153 -27.07 -5.06 -14.36
CA ILE C 153 -27.91 -6.11 -13.79
C ILE C 153 -28.16 -7.26 -14.76
N LEU C 154 -28.27 -6.97 -16.05
CA LEU C 154 -28.55 -8.02 -17.03
C LEU C 154 -27.39 -8.98 -17.20
N GLU C 155 -26.18 -8.52 -16.88
CA GLU C 155 -24.98 -9.34 -16.98
C GLU C 155 -24.61 -10.00 -15.63
N MET C 156 -25.36 -9.71 -14.57
CA MET C 156 -24.98 -10.13 -13.22
C MET C 156 -25.41 -11.56 -12.93
N GLN C 157 -24.44 -12.39 -12.58
CA GLN C 157 -24.64 -13.83 -12.44
C GLN C 157 -24.82 -14.25 -10.99
N TYR C 158 -24.52 -13.33 -10.07
CA TYR C 158 -24.63 -13.57 -8.64
C TYR C 158 -24.74 -12.20 -7.96
N PRO C 159 -24.97 -12.16 -6.64
CA PRO C 159 -25.04 -10.84 -5.99
C PRO C 159 -23.68 -10.19 -5.86
N LYS C 160 -23.39 -9.26 -6.77
CA LYS C 160 -22.07 -8.64 -6.91
C LYS C 160 -21.92 -7.47 -5.95
N VAL C 161 -21.73 -7.79 -4.67
CA VAL C 161 -21.72 -6.80 -3.58
C VAL C 161 -20.56 -6.99 -2.60
N GLN C 162 -19.54 -7.74 -3.01
CA GLN C 162 -18.50 -8.18 -2.11
C GLN C 162 -17.36 -7.23 -1.87
N LYS C 163 -16.96 -6.46 -2.87
CA LYS C 163 -15.74 -5.67 -2.76
C LYS C 163 -15.97 -4.30 -3.35
N TYR C 164 -16.06 -3.29 -2.49
CA TYR C 164 -16.26 -1.92 -2.93
C TYR C 164 -15.07 -1.06 -2.58
N CYS C 165 -14.79 -0.13 -3.47
CA CYS C 165 -13.81 0.90 -3.26
C CYS C 165 -14.55 2.21 -3.06
N LEU C 166 -14.33 2.86 -1.92
CA LEU C 166 -14.95 4.14 -1.62
C LEU C 166 -13.89 5.21 -1.66
N MET C 167 -14.19 6.28 -2.38
CA MET C 167 -13.28 7.40 -2.51
C MET C 167 -14.06 8.66 -2.19
N SER C 168 -13.64 9.33 -1.14
CA SER C 168 -14.39 10.43 -0.60
C SER C 168 -13.47 11.60 -0.36
N VAL C 169 -13.95 12.78 -0.70
CA VAL C 169 -13.19 14.00 -0.48
C VAL C 169 -13.62 14.65 0.81
N ARG C 170 -12.74 15.48 1.35
CA ARG C 170 -13.01 16.28 2.53
C ARG C 170 -14.36 16.97 2.39
N GLY C 171 -15.21 16.80 3.40
CA GLY C 171 -16.52 17.43 3.44
C GLY C 171 -17.67 16.51 3.10
N CYS C 172 -17.39 15.36 2.51
CA CYS C 172 -18.46 14.44 2.11
C CYS C 172 -19.29 13.99 3.29
N TYR C 173 -20.57 13.81 3.04
CA TYR C 173 -21.52 13.36 4.05
C TYR C 173 -22.49 12.42 3.34
N THR C 174 -22.77 11.31 4.00
CA THR C 174 -23.77 10.35 3.59
C THR C 174 -24.80 10.26 4.72
N ASP C 175 -26.04 10.59 4.41
CA ASP C 175 -27.04 10.71 5.46
C ASP C 175 -27.40 9.31 5.97
N PHE C 176 -28.16 9.30 7.05
CA PHE C 176 -28.54 8.07 7.72
C PHE C 176 -29.20 7.09 6.79
N HIS C 177 -28.76 5.85 6.91
CA HIS C 177 -29.33 4.77 6.14
C HIS C 177 -28.99 3.44 6.76
N VAL C 178 -29.66 2.40 6.29
CA VAL C 178 -29.34 1.03 6.62
C VAL C 178 -28.87 0.35 5.33
N ASP C 179 -27.82 -0.45 5.42
CA ASP C 179 -27.23 -1.02 4.24
C ASP C 179 -28.18 -2.03 3.59
N PHE C 180 -28.10 -2.13 2.27
CA PHE C 180 -29.12 -2.84 1.50
C PHE C 180 -29.25 -4.29 1.89
N GLY C 181 -30.50 -4.78 1.86
CA GLY C 181 -30.80 -6.15 2.21
C GLY C 181 -30.57 -6.55 3.66
N GLY C 182 -30.26 -5.58 4.51
CA GLY C 182 -29.87 -5.88 5.85
C GLY C 182 -28.48 -6.47 5.92
N THR C 183 -27.67 -6.18 4.91
CA THR C 183 -26.30 -6.66 4.91
C THR C 183 -25.51 -6.09 6.08
N SER C 184 -24.59 -6.91 6.55
CA SER C 184 -23.52 -6.46 7.42
C SER C 184 -22.43 -5.91 6.52
N VAL C 185 -21.54 -5.09 7.09
CA VAL C 185 -20.50 -4.47 6.29
C VAL C 185 -19.18 -4.51 7.02
N TRP C 186 -18.11 -4.64 6.25
CA TRP C 186 -16.75 -4.42 6.78
C TRP C 186 -16.13 -3.26 5.98
N TYR C 187 -15.36 -2.40 6.65
CA TYR C 187 -14.73 -1.25 6.01
C TYR C 187 -13.33 -1.15 6.51
N HIS C 188 -12.37 -1.03 5.61
CA HIS C 188 -10.97 -0.80 5.99
C HIS C 188 -10.55 0.60 5.55
N ILE C 189 -10.10 1.42 6.50
CA ILE C 189 -9.69 2.79 6.18
C ILE C 189 -8.27 2.74 5.65
N HIS C 190 -8.13 2.67 4.35
CA HIS C 190 -6.81 2.55 3.74
C HIS C 190 -6.00 3.83 3.87
N GLN C 191 -6.65 4.95 3.58
CA GLN C 191 -6.06 6.29 3.72
C GLN C 191 -7.12 7.23 4.20
N GLY C 192 -6.77 8.15 5.08
CA GLY C 192 -7.73 9.16 5.54
C GLY C 192 -8.45 8.77 6.82
N GLY C 193 -9.76 9.02 6.85
CA GLY C 193 -10.54 8.80 8.06
C GLY C 193 -12.02 9.08 7.83
N LYS C 194 -12.84 8.53 8.71
CA LYS C 194 -14.28 8.70 8.63
C LYS C 194 -14.86 8.97 10.01
N VAL C 195 -15.97 9.69 10.04
CA VAL C 195 -16.77 9.82 11.25
C VAL C 195 -18.13 9.16 10.97
N PHE C 196 -18.50 8.22 11.83
CA PHE C 196 -19.79 7.56 11.78
C PHE C 196 -20.67 7.98 12.94
N TRP C 197 -21.97 8.16 12.66
CA TRP C 197 -22.99 8.21 13.71
C TRP C 197 -23.76 6.90 13.60
N LEU C 198 -23.92 6.20 14.73
CA LEU C 198 -24.48 4.85 14.76
C LEU C 198 -25.71 4.83 15.63
N ILE C 199 -26.78 4.24 15.11
CA ILE C 199 -28.04 4.11 15.81
C ILE C 199 -28.43 2.63 15.76
N PRO C 200 -28.69 2.01 16.93
CA PRO C 200 -28.96 0.57 16.95
C PRO C 200 -30.32 0.21 16.38
N PRO C 201 -30.46 -1.01 15.85
CA PRO C 201 -31.70 -1.41 15.18
C PRO C 201 -32.74 -1.97 16.15
N THR C 202 -33.10 -1.16 17.14
CA THR C 202 -34.16 -1.50 18.07
C THR C 202 -35.48 -1.34 17.33
N ALA C 203 -36.52 -1.98 17.85
CA ALA C 203 -37.82 -1.89 17.20
C ALA C 203 -38.24 -0.44 17.06
N HIS C 204 -38.02 0.35 18.11
CA HIS C 204 -38.39 1.75 18.11
C HIS C 204 -37.61 2.58 17.07
N ASN C 205 -36.29 2.43 17.05
CA ASN C 205 -35.48 3.15 16.06
C ASN C 205 -35.76 2.80 14.59
N LEU C 206 -36.06 1.53 14.32
CA LEU C 206 -36.38 1.11 12.97
C LEU C 206 -37.72 1.70 12.55
N GLU C 207 -38.62 1.85 13.52
CA GLU C 207 -39.90 2.53 13.28
C GLU C 207 -39.65 4.00 12.91
N LEU C 208 -38.87 4.69 13.73
CA LEU C 208 -38.43 6.07 13.46
C LEU C 208 -37.78 6.23 12.11
N TYR C 209 -36.81 5.35 11.82
CA TYR C 209 -36.11 5.36 10.56
C TYR C 209 -37.07 5.25 9.39
N GLU C 210 -37.95 4.26 9.45
CA GLU C 210 -38.93 4.06 8.37
C GLU C 210 -39.83 5.29 8.21
N ASN C 211 -40.37 5.78 9.31
CA ASN C 211 -41.19 7.01 9.28
C ASN C 211 -40.40 8.21 8.74
N TRP C 212 -39.13 8.32 9.15
CA TRP C 212 -38.24 9.39 8.67
C TRP C 212 -38.04 9.31 7.15
N LEU C 213 -37.90 8.09 6.61
CA LEU C 213 -37.77 7.91 5.17
C LEU C 213 -39.06 8.31 4.44
N LEU C 214 -40.19 7.93 5.02
CA LEU C 214 -41.50 8.21 4.43
C LEU C 214 -41.96 9.67 4.63
N SER C 215 -41.40 10.36 5.62
CA SER C 215 -41.86 11.70 6.02
C SER C 215 -41.48 12.85 5.09
N GLY C 216 -40.53 12.64 4.18
CA GLY C 216 -40.07 13.72 3.31
C GLY C 216 -39.40 14.85 4.07
N LYS C 217 -38.80 14.53 5.22
CA LYS C 217 -38.19 15.53 6.12
C LYS C 217 -36.72 15.20 6.41
N GLN C 218 -36.09 14.43 5.52
CA GLN C 218 -34.73 13.92 5.75
C GLN C 218 -33.64 14.99 5.85
N GLY C 219 -33.83 16.11 5.16
CA GLY C 219 -32.85 17.20 5.16
C GLY C 219 -32.94 18.12 6.35
N ASP C 220 -34.14 18.24 6.91
CA ASP C 220 -34.39 19.11 8.06
C ASP C 220 -34.05 18.41 9.40
N ILE C 221 -34.19 17.09 9.43
CA ILE C 221 -34.06 16.36 10.68
C ILE C 221 -32.80 15.49 10.68
N PHE C 222 -31.95 15.71 11.68
CA PHE C 222 -30.79 14.86 11.90
C PHE C 222 -31.27 13.72 12.78
N LEU C 223 -31.29 12.52 12.22
CA LEU C 223 -31.98 11.40 12.84
C LEU C 223 -31.38 11.07 14.21
N GLY C 224 -30.08 11.32 14.37
CA GLY C 224 -29.42 11.13 15.65
C GLY C 224 -30.00 11.91 16.81
N ASP C 225 -30.72 13.00 16.52
CA ASP C 225 -31.38 13.80 17.56
C ASP C 225 -32.72 13.23 17.98
N ARG C 226 -33.30 12.35 17.18
CA ARG C 226 -34.65 11.86 17.40
C ARG C 226 -34.69 10.50 18.09
N VAL C 227 -33.54 9.84 18.12
CA VAL C 227 -33.39 8.59 18.84
C VAL C 227 -32.75 8.85 20.19
N SER C 228 -32.92 7.90 21.10
CA SER C 228 -32.42 8.04 22.47
C SER C 228 -30.93 7.86 22.62
N ASP C 229 -30.33 7.09 21.72
CA ASP C 229 -28.96 6.62 21.95
C ASP C 229 -28.25 6.49 20.62
N CYS C 230 -27.34 7.42 20.38
CA CYS C 230 -26.59 7.49 19.14
C CYS C 230 -25.12 7.63 19.53
N GLN C 231 -24.24 6.90 18.86
CA GLN C 231 -22.80 7.03 19.09
C GLN C 231 -22.13 7.65 17.87
N ARG C 232 -21.39 8.74 18.07
CA ARG C 232 -20.53 9.29 17.03
C ARG C 232 -19.13 8.78 17.33
N ILE C 233 -18.51 8.17 16.33
CA ILE C 233 -17.20 7.55 16.48
C ILE C 233 -16.33 7.85 15.26
N GLU C 234 -15.04 8.06 15.51
CA GLU C 234 -14.08 8.34 14.45
C GLU C 234 -13.26 7.08 14.13
N LEU C 235 -13.15 6.78 12.84
CA LEU C 235 -12.30 5.71 12.35
C LEU C 235 -11.03 6.36 11.81
N LYS C 236 -9.88 5.89 12.28
CA LYS C 236 -8.59 6.38 11.84
C LYS C 236 -8.02 5.46 10.77
N GLN C 237 -6.99 5.94 10.09
CA GLN C 237 -6.32 5.14 9.07
C GLN C 237 -5.89 3.80 9.66
N GLY C 238 -6.10 2.73 8.89
CA GLY C 238 -5.69 1.40 9.30
C GLY C 238 -6.71 0.63 10.11
N TYR C 239 -7.78 1.31 10.54
CA TYR C 239 -8.86 0.67 11.28
C TYR C 239 -9.70 -0.18 10.32
N THR C 240 -10.21 -1.29 10.83
CA THR C 240 -11.25 -2.06 10.14
C THR C 240 -12.50 -2.01 11.01
N PHE C 241 -13.66 -1.78 10.40
CA PHE C 241 -14.88 -1.53 11.12
C PHE C 241 -15.87 -2.57 10.57
N VAL C 242 -16.58 -3.25 11.47
CA VAL C 242 -17.65 -4.17 11.07
C VAL C 242 -18.98 -3.66 11.65
N ILE C 243 -19.98 -3.42 10.79
CA ILE C 243 -21.29 -2.95 11.22
C ILE C 243 -22.28 -4.09 11.03
N PRO C 244 -23.04 -4.44 12.08
CA PRO C 244 -24.02 -5.51 11.91
C PRO C 244 -25.25 -5.10 11.15
N SER C 245 -26.03 -6.13 10.83
CA SER C 245 -27.30 -5.96 10.12
C SER C 245 -28.17 -4.94 10.83
N GLY C 246 -28.77 -4.05 10.06
CA GLY C 246 -29.83 -3.16 10.55
C GLY C 246 -29.37 -1.86 11.17
N TRP C 247 -28.09 -1.75 11.47
CA TRP C 247 -27.61 -0.52 12.09
C TRP C 247 -27.80 0.70 11.21
N ILE C 248 -28.43 1.74 11.76
CA ILE C 248 -28.75 2.96 11.02
C ILE C 248 -27.55 3.88 11.20
N HIS C 249 -26.95 4.33 10.11
CA HIS C 249 -25.73 5.12 10.23
C HIS C 249 -25.56 6.20 9.18
N ALA C 250 -24.87 7.27 9.58
CA ALA C 250 -24.51 8.38 8.70
C ALA C 250 -23.01 8.53 8.77
N VAL C 251 -22.42 9.12 7.73
CA VAL C 251 -20.97 9.16 7.62
C VAL C 251 -20.48 10.50 7.11
N TYR C 252 -19.46 11.04 7.78
CA TYR C 252 -18.78 12.25 7.36
C TYR C 252 -17.31 11.94 7.09
N THR C 253 -16.77 12.65 6.11
CA THR C 253 -15.39 12.47 5.70
C THR C 253 -14.59 13.74 5.99
N PRO C 254 -13.73 13.69 7.01
CA PRO C 254 -12.99 14.90 7.42
C PRO C 254 -11.75 15.24 6.62
N THR C 255 -11.29 14.32 5.78
CA THR C 255 -10.08 14.48 4.98
C THR C 255 -10.23 13.55 3.77
N ASP C 256 -9.54 13.84 2.68
CA ASP C 256 -9.59 12.93 1.52
C ASP C 256 -9.25 11.48 1.96
N THR C 257 -10.09 10.54 1.53
CA THR C 257 -10.11 9.20 2.11
C THR C 257 -10.32 8.13 1.03
N LEU C 258 -9.66 7.00 1.22
CA LEU C 258 -9.81 5.83 0.39
C LEU C 258 -10.12 4.65 1.29
N VAL C 259 -11.22 3.96 1.03
CA VAL C 259 -11.67 2.87 1.87
C VAL C 259 -11.91 1.67 0.96
N PHE C 260 -11.60 0.49 1.46
CA PHE C 260 -12.03 -0.75 0.83
C PHE C 260 -12.91 -1.51 1.79
N GLY C 261 -14.02 -2.03 1.30
CA GLY C 261 -14.92 -2.75 2.18
C GLY C 261 -15.87 -3.56 1.36
N GLY C 262 -16.96 -3.97 1.99
CA GLY C 262 -17.97 -4.75 1.29
C GLY C 262 -19.06 -5.24 2.18
N ASN C 263 -20.10 -5.79 1.56
CA ASN C 263 -21.32 -6.16 2.23
C ASN C 263 -21.42 -7.67 2.25
N PHE C 264 -22.08 -8.19 3.27
CA PHE C 264 -22.36 -9.62 3.32
C PHE C 264 -23.64 -9.90 4.11
N LEU C 265 -24.35 -10.94 3.68
CA LEU C 265 -25.34 -11.60 4.49
C LEU C 265 -24.73 -12.84 5.13
N HIS C 266 -25.32 -13.28 6.24
CA HIS C 266 -24.90 -14.48 6.92
C HIS C 266 -26.06 -15.14 7.66
N SER C 267 -25.80 -16.31 8.22
CA SER C 267 -26.84 -17.16 8.77
C SER C 267 -27.18 -16.90 10.22
N PHE C 268 -26.49 -15.95 10.85
CA PHE C 268 -26.59 -15.78 12.29
C PHE C 268 -27.41 -14.55 12.70
N ASN C 269 -27.93 -13.82 11.72
CA ASN C 269 -28.77 -12.66 11.96
C ASN C 269 -29.84 -12.53 10.89
N ILE C 270 -30.41 -13.67 10.50
CA ILE C 270 -31.40 -13.69 9.42
C ILE C 270 -32.65 -12.85 9.74
N PRO C 271 -33.22 -12.98 10.95
CA PRO C 271 -34.44 -12.18 11.18
C PRO C 271 -34.26 -10.68 10.94
N MET C 272 -33.13 -10.12 11.36
CA MET C 272 -32.85 -8.69 11.09
C MET C 272 -32.67 -8.43 9.60
N GLN C 273 -31.97 -9.32 8.89
CA GLN C 273 -31.78 -9.19 7.46
C GLN C 273 -33.13 -9.07 6.76
N LEU C 274 -34.04 -9.94 7.14
CA LEU C 274 -35.39 -9.94 6.55
C LEU C 274 -36.19 -8.68 6.91
N LYS C 275 -36.04 -8.21 8.15
CA LYS C 275 -36.74 -6.99 8.59
C LYS C 275 -36.35 -5.82 7.72
N ILE C 276 -35.04 -5.66 7.48
CA ILE C 276 -34.56 -4.56 6.68
C ILE C 276 -35.02 -4.64 5.23
N TYR C 277 -34.98 -5.84 4.65
CA TYR C 277 -35.50 -6.00 3.29
C TYR C 277 -36.95 -5.56 3.20
N SER C 278 -37.74 -5.90 4.21
CA SER C 278 -39.16 -5.51 4.28
C SER C 278 -39.36 -4.00 4.40
N ILE C 279 -38.44 -3.31 5.08
CA ILE C 279 -38.49 -1.85 5.15
C ILE C 279 -38.28 -1.24 3.78
N GLU C 280 -37.34 -1.80 3.02
CA GLU C 280 -37.08 -1.33 1.68
C GLU C 280 -38.30 -1.48 0.79
N ASP C 281 -39.07 -2.55 1.00
CA ASP C 281 -40.33 -2.77 0.27
C ASP C 281 -41.34 -1.66 0.55
N ARG C 282 -41.56 -1.36 1.82
CA ARG C 282 -42.59 -0.40 2.21
C ARG C 282 -42.19 1.04 1.89
N THR C 283 -40.90 1.33 1.86
CA THR C 283 -40.43 2.68 1.55
C THR C 283 -40.13 2.87 0.07
N ARG C 284 -40.47 1.86 -0.73
CA ARG C 284 -40.40 1.91 -2.19
C ARG C 284 -39.02 2.25 -2.74
N VAL C 285 -38.02 1.51 -2.26
CA VAL C 285 -36.66 1.64 -2.78
C VAL C 285 -36.61 1.05 -4.18
N PRO C 286 -36.07 1.81 -5.16
CA PRO C 286 -35.84 1.25 -6.50
C PRO C 286 -34.91 0.04 -6.48
N ASN C 287 -35.11 -0.88 -7.41
CA ASN C 287 -34.33 -2.13 -7.46
C ASN C 287 -32.82 -1.92 -7.47
N LYS C 288 -32.36 -0.89 -8.18
CA LYS C 288 -30.92 -0.68 -8.37
C LYS C 288 -30.15 -0.46 -7.07
N PHE C 289 -30.82 0.06 -6.04
CA PHE C 289 -30.16 0.31 -4.75
C PHE C 289 -30.41 -0.82 -3.76
N ARG C 290 -30.88 -1.97 -4.25
CA ARG C 290 -31.15 -3.13 -3.41
C ARG C 290 -30.20 -4.29 -3.65
N TYR C 291 -30.23 -5.26 -2.75
CA TYR C 291 -29.41 -6.43 -2.85
C TYR C 291 -29.93 -7.25 -4.03
N PRO C 292 -29.07 -7.48 -5.04
CA PRO C 292 -29.51 -8.28 -6.19
C PRO C 292 -29.85 -9.72 -5.82
N PHE C 293 -30.97 -10.21 -6.34
CA PHE C 293 -31.33 -11.63 -6.18
C PHE C 293 -31.49 -12.05 -4.71
N TYR C 294 -32.04 -11.19 -3.90
CA TYR C 294 -32.16 -11.44 -2.47
C TYR C 294 -32.91 -12.72 -2.11
N TYR C 295 -34.16 -12.88 -2.57
CA TYR C 295 -34.89 -14.07 -2.20
C TYR C 295 -34.40 -15.34 -2.93
N GLU C 296 -33.86 -15.17 -4.12
CA GLU C 296 -33.22 -16.27 -4.85
C GLU C 296 -32.12 -16.83 -3.94
N MET C 297 -31.34 -15.92 -3.39
CA MET C 297 -30.29 -16.31 -2.44
C MET C 297 -30.86 -17.07 -1.22
N CYS C 298 -31.94 -16.55 -0.64
CA CYS C 298 -32.60 -17.21 0.47
C CYS C 298 -33.01 -18.65 0.15
N TRP C 299 -33.56 -18.87 -1.06
CA TRP C 299 -33.86 -20.22 -1.52
C TRP C 299 -32.61 -21.11 -1.54
N TYR C 300 -31.52 -20.60 -2.11
CA TYR C 300 -30.30 -21.40 -2.16
C TYR C 300 -29.75 -21.69 -0.76
N VAL C 301 -29.90 -20.75 0.18
CA VAL C 301 -29.50 -20.97 1.58
C VAL C 301 -30.22 -22.18 2.18
N LEU C 302 -31.54 -22.24 2.04
CA LEU C 302 -32.28 -23.39 2.53
C LEU C 302 -31.77 -24.69 1.92
N GLU C 303 -31.54 -24.68 0.62
CA GLU C 303 -31.06 -25.87 -0.07
C GLU C 303 -29.70 -26.32 0.49
N ARG C 304 -28.81 -25.37 0.76
CA ARG C 304 -27.48 -25.70 1.25
C ARG C 304 -27.57 -26.34 2.62
N TYR C 305 -28.39 -25.77 3.49
CA TYR C 305 -28.55 -26.33 4.82
C TYR C 305 -29.10 -27.75 4.76
N VAL C 306 -30.14 -27.96 3.96
CA VAL C 306 -30.69 -29.32 3.86
C VAL C 306 -29.66 -30.29 3.27
N TYR C 307 -28.91 -29.84 2.28
CA TYR C 307 -27.93 -30.72 1.63
C TYR C 307 -26.76 -31.03 2.57
N CYS C 308 -26.22 -30.02 3.25
CA CYS C 308 -25.09 -30.25 4.14
C CYS C 308 -25.43 -31.11 5.36
N ILE C 309 -26.67 -31.04 5.82
CA ILE C 309 -27.09 -31.77 7.00
C ILE C 309 -27.66 -33.15 6.68
N THR C 310 -28.43 -33.27 5.60
CA THR C 310 -29.09 -34.56 5.27
C THR C 310 -28.57 -35.28 4.01
N ASN C 311 -27.73 -34.60 3.22
CA ASN C 311 -27.23 -35.12 1.95
C ASN C 311 -28.34 -35.33 0.90
N ARG C 312 -29.45 -34.63 1.05
CA ARG C 312 -30.53 -34.63 0.08
C ARG C 312 -30.49 -33.30 -0.65
N SER C 313 -30.39 -33.34 -1.98
CA SER C 313 -30.29 -32.14 -2.80
C SER C 313 -31.64 -31.74 -3.35
N HIS C 314 -31.91 -30.45 -3.37
CA HIS C 314 -33.08 -29.90 -4.04
C HIS C 314 -32.69 -28.98 -5.21
N LEU C 315 -31.47 -29.16 -5.72
CA LEU C 315 -31.07 -28.50 -6.94
C LEU C 315 -31.53 -29.32 -8.12
N THR C 316 -31.63 -28.68 -9.27
CA THR C 316 -31.91 -29.40 -10.53
C THR C 316 -30.76 -30.35 -10.88
N LYS C 317 -31.04 -31.30 -11.77
CA LYS C 317 -30.02 -32.26 -12.20
C LYS C 317 -28.81 -31.55 -12.76
N ASP C 318 -29.05 -30.50 -13.56
CA ASP C 318 -27.95 -29.76 -14.17
C ASP C 318 -27.13 -29.05 -13.09
N PHE C 319 -27.79 -28.43 -12.12
CA PHE C 319 -27.05 -27.72 -11.05
C PHE C 319 -26.30 -28.69 -10.14
N GLN C 320 -26.86 -29.87 -9.91
CA GLN C 320 -26.16 -30.91 -9.16
C GLN C 320 -24.89 -31.35 -9.90
N LYS C 321 -25.00 -31.52 -11.22
CA LYS C 321 -23.84 -31.88 -12.04
C LYS C 321 -22.76 -30.81 -11.97
N GLU C 322 -23.15 -29.55 -12.09
CA GLU C 322 -22.19 -28.44 -11.98
C GLU C 322 -21.48 -28.49 -10.61
N SER C 323 -22.25 -28.74 -9.56
N SER C 323 -22.25 -28.72 -9.56
CA SER C 323 -21.71 -28.73 -8.20
CA SER C 323 -21.73 -28.72 -8.19
C SER C 323 -20.75 -29.89 -7.96
C SER C 323 -20.77 -29.88 -7.94
N LEU C 324 -21.14 -31.09 -8.38
CA LEU C 324 -20.28 -32.26 -8.23
C LEU C 324 -18.95 -32.05 -8.95
N SER C 325 -19.02 -31.43 -10.13
CA SER C 325 -17.84 -31.08 -10.90
C SER C 325 -16.96 -30.07 -10.16
N MET C 326 -17.57 -29.02 -9.60
CA MET C 326 -16.80 -28.05 -8.81
C MET C 326 -16.18 -28.75 -7.58
N ASP C 327 -16.93 -29.68 -6.96
CA ASP C 327 -16.47 -30.38 -5.76
C ASP C 327 -15.09 -31.02 -5.95
N MET C 328 -14.87 -31.59 -7.14
CA MET C 328 -13.64 -32.33 -7.41
C MET C 328 -12.49 -31.45 -7.90
N GLU C 329 -12.79 -30.19 -8.25
CA GLU C 329 -11.76 -29.21 -8.60
C GLU C 329 -10.97 -28.80 -7.36
N GLN D 1 -29.48 -34.77 14.52
CA GLN D 1 -28.38 -35.08 15.49
C GLN D 1 -27.05 -34.35 15.21
N VAL D 2 -27.05 -33.35 14.33
CA VAL D 2 -25.97 -32.34 14.34
C VAL D 2 -26.44 -31.25 15.31
N HIS D 3 -25.53 -30.38 15.71
CA HIS D 3 -25.92 -29.29 16.60
C HIS D 3 -25.75 -27.95 15.89
N LEU D 4 -26.88 -27.28 15.63
CA LEU D 4 -26.87 -25.93 15.05
C LEU D 4 -26.99 -24.89 16.16
N THR D 5 -26.46 -23.69 15.93
CA THR D 5 -26.61 -22.64 16.91
C THR D 5 -28.07 -22.25 16.98
N HIS D 6 -28.47 -21.69 18.12
CA HIS D 6 -29.83 -21.20 18.23
C HIS D 6 -30.09 -20.09 17.20
N PHE D 7 -29.06 -19.29 16.91
CA PHE D 7 -29.16 -18.25 15.87
C PHE D 7 -29.63 -18.82 14.54
N GLU D 8 -29.00 -19.90 14.11
CA GLU D 8 -29.31 -20.54 12.84
C GLU D 8 -30.69 -21.19 12.87
N LEU D 9 -31.01 -21.86 13.97
CA LEU D 9 -32.33 -22.51 14.08
C LEU D 9 -33.45 -21.48 13.98
N GLU D 10 -33.28 -20.37 14.69
CA GLU D 10 -34.24 -19.26 14.64
C GLU D 10 -34.32 -18.66 13.24
N GLY D 11 -33.15 -18.43 12.64
CA GLY D 11 -33.06 -17.86 11.30
C GLY D 11 -33.72 -18.71 10.21
N LEU D 12 -33.46 -20.02 10.24
CA LEU D 12 -34.00 -20.92 9.25
C LEU D 12 -35.52 -20.98 9.35
N ARG D 13 -36.02 -20.98 10.58
CA ARG D 13 -37.47 -20.94 10.77
C ARG D 13 -38.05 -19.64 10.20
N CYS D 14 -37.38 -18.51 10.45
CA CYS D 14 -37.87 -17.23 9.92
CA CYS D 14 -37.84 -17.22 9.93
C CYS D 14 -37.83 -17.22 8.40
N LEU D 15 -36.82 -17.86 7.82
CA LEU D 15 -36.64 -17.90 6.38
C LEU D 15 -37.77 -18.71 5.73
N VAL D 16 -38.05 -19.88 6.29
CA VAL D 16 -39.19 -20.69 5.85
C VAL D 16 -40.48 -19.88 5.87
N ASP D 17 -40.76 -19.23 6.99
CA ASP D 17 -41.99 -18.45 7.18
C ASP D 17 -42.09 -17.30 6.18
N LYS D 18 -40.97 -16.65 5.91
CA LYS D 18 -40.94 -15.57 4.94
C LYS D 18 -41.14 -16.08 3.52
N LEU D 19 -40.41 -17.12 3.13
CA LEU D 19 -40.47 -17.62 1.76
C LEU D 19 -41.88 -18.14 1.46
N GLU D 20 -42.52 -18.74 2.45
CA GLU D 20 -43.90 -19.20 2.25
C GLU D 20 -44.93 -18.06 2.18
N SER D 21 -44.56 -16.89 2.67
CA SER D 21 -45.44 -15.72 2.68
C SER D 21 -45.21 -14.75 1.52
N LEU D 22 -44.37 -15.11 0.55
CA LEU D 22 -44.06 -14.18 -0.53
C LEU D 22 -45.29 -14.00 -1.45
N PRO D 23 -45.42 -12.82 -2.08
CA PRO D 23 -46.58 -12.59 -2.92
C PRO D 23 -46.70 -13.65 -4.01
N LEU D 24 -47.95 -14.02 -4.31
CA LEU D 24 -48.26 -15.13 -5.22
C LEU D 24 -47.54 -14.99 -6.56
N HIS D 25 -47.34 -13.75 -6.96
CA HIS D 25 -46.83 -13.42 -8.28
C HIS D 25 -45.30 -13.30 -8.33
N LYS D 26 -44.63 -13.36 -7.18
CA LYS D 26 -43.19 -13.11 -7.15
C LYS D 26 -42.46 -13.89 -6.03
N LYS D 27 -42.40 -15.20 -6.22
CA LYS D 27 -41.80 -16.10 -5.22
C LYS D 27 -40.28 -16.18 -5.35
N CYS D 28 -39.75 -15.69 -6.46
CA CYS D 28 -38.31 -15.63 -6.72
C CYS D 28 -37.58 -16.97 -6.62
N VAL D 29 -38.21 -18.07 -7.01
CA VAL D 29 -37.53 -19.37 -6.96
C VAL D 29 -36.50 -19.39 -8.10
N PRO D 30 -35.21 -19.53 -7.75
CA PRO D 30 -34.19 -19.41 -8.79
C PRO D 30 -34.11 -20.63 -9.71
N THR D 31 -33.43 -20.46 -10.84
CA THR D 31 -33.33 -21.50 -11.88
CA THR D 31 -33.39 -21.52 -11.87
C THR D 31 -32.74 -22.82 -11.39
N GLY D 32 -31.86 -22.75 -10.39
CA GLY D 32 -31.17 -23.92 -9.87
C GLY D 32 -31.97 -24.84 -8.97
N ILE D 33 -33.11 -24.38 -8.48
CA ILE D 33 -33.91 -25.14 -7.52
C ILE D 33 -34.88 -26.03 -8.29
N GLU D 34 -34.97 -27.29 -7.90
CA GLU D 34 -35.87 -28.25 -8.54
C GLU D 34 -37.32 -28.01 -8.09
N ASP D 35 -37.62 -28.40 -6.86
CA ASP D 35 -38.99 -28.31 -6.34
C ASP D 35 -38.96 -27.56 -5.03
N GLU D 36 -39.32 -26.28 -5.07
CA GLU D 36 -39.32 -25.44 -3.86
C GLU D 36 -40.24 -25.97 -2.76
N ASP D 37 -41.33 -26.62 -3.15
CA ASP D 37 -42.26 -27.13 -2.15
C ASP D 37 -41.70 -28.34 -1.41
N ALA D 38 -41.00 -29.22 -2.12
CA ALA D 38 -40.34 -30.36 -1.50
C ALA D 38 -39.22 -29.89 -0.59
N LEU D 39 -38.52 -28.82 -1.00
CA LEU D 39 -37.46 -28.24 -0.19
C LEU D 39 -38.00 -27.69 1.13
N ILE D 40 -39.08 -26.91 1.07
CA ILE D 40 -39.72 -26.37 2.29
C ILE D 40 -40.14 -27.49 3.24
N ALA D 41 -40.78 -28.53 2.69
CA ALA D 41 -41.18 -29.69 3.48
C ALA D 41 -39.97 -30.33 4.19
N ASP D 42 -38.87 -30.46 3.47
CA ASP D 42 -37.64 -31.02 4.05
C ASP D 42 -37.03 -30.13 5.13
N VAL D 43 -37.05 -28.81 4.92
CA VAL D 43 -36.56 -27.88 5.96
C VAL D 43 -37.37 -28.06 7.25
N LYS D 44 -38.69 -28.12 7.11
CA LYS D 44 -39.54 -28.23 8.30
C LYS D 44 -39.30 -29.54 9.04
N ILE D 45 -39.09 -30.64 8.31
CA ILE D 45 -38.74 -31.92 8.91
C ILE D 45 -37.40 -31.79 9.64
N LEU D 46 -36.43 -31.18 8.96
CA LEU D 46 -35.12 -30.99 9.55
C LEU D 46 -35.18 -30.18 10.83
N LEU D 47 -35.92 -29.07 10.80
CA LEU D 47 -36.03 -28.20 11.98
C LEU D 47 -36.69 -28.88 13.17
N GLU D 48 -37.67 -29.76 12.92
CA GLU D 48 -38.21 -30.60 14.00
C GLU D 48 -37.15 -31.52 14.58
N GLU D 49 -36.41 -32.21 13.71
CA GLU D 49 -35.33 -33.09 14.15
C GLU D 49 -34.22 -32.35 14.91
N LEU D 50 -33.97 -31.10 14.52
CA LEU D 50 -32.91 -30.28 15.12
C LEU D 50 -33.33 -29.50 16.35
N ALA D 51 -34.63 -29.37 16.60
CA ALA D 51 -35.16 -28.59 17.74
C ALA D 51 -34.41 -28.87 19.05
N SER D 52 -34.01 -30.14 19.23
CA SER D 52 -33.23 -30.56 20.38
C SER D 52 -31.71 -30.43 20.18
N SER D 53 -31.26 -29.59 19.23
CA SER D 53 -29.85 -29.23 19.16
C SER D 53 -29.43 -28.71 20.52
N ASP D 54 -28.16 -28.86 20.83
CA ASP D 54 -27.62 -28.34 22.05
C ASP D 54 -26.89 -27.08 21.66
N PRO D 55 -27.40 -25.91 22.08
CA PRO D 55 -26.80 -24.64 21.63
C PRO D 55 -25.35 -24.45 22.07
N LYS D 56 -24.87 -25.22 23.04
CA LYS D 56 -23.46 -25.10 23.48
C LYS D 56 -22.53 -26.04 22.72
N LEU D 57 -22.97 -27.27 22.46
CA LEU D 57 -22.22 -28.20 21.61
C LEU D 57 -22.14 -27.70 20.16
N ALA D 58 -23.03 -26.78 19.78
CA ALA D 58 -23.00 -26.16 18.45
C ALA D 58 -21.84 -25.19 18.26
N LEU D 59 -21.14 -24.84 19.33
CA LEU D 59 -20.04 -23.87 19.24
C LEU D 59 -18.76 -24.55 18.80
N THR D 60 -18.78 -25.08 17.59
CA THR D 60 -17.70 -25.88 17.03
C THR D 60 -16.54 -25.09 16.49
N GLY D 61 -16.76 -23.80 16.19
CA GLY D 61 -15.77 -22.99 15.51
C GLY D 61 -15.64 -23.22 14.01
N VAL D 62 -16.51 -24.06 13.42
CA VAL D 62 -16.52 -24.21 11.97
C VAL D 62 -17.96 -24.22 11.44
N PRO D 63 -18.17 -23.58 10.27
CA PRO D 63 -19.54 -23.46 9.80
C PRO D 63 -20.10 -24.81 9.34
N ILE D 64 -21.38 -25.03 9.58
CA ILE D 64 -22.07 -26.21 9.07
C ILE D 64 -22.11 -26.23 7.54
N VAL D 65 -22.33 -25.07 6.93
CA VAL D 65 -22.32 -24.99 5.48
C VAL D 65 -20.96 -24.58 4.97
N GLN D 66 -20.30 -25.54 4.32
CA GLN D 66 -19.04 -25.29 3.64
CA GLN D 66 -18.99 -25.38 3.69
C GLN D 66 -18.99 -26.16 2.39
N TRP D 67 -18.24 -25.70 1.40
CA TRP D 67 -17.99 -26.50 0.21
C TRP D 67 -16.92 -27.54 0.58
N PRO D 68 -16.91 -28.68 -0.10
CA PRO D 68 -15.90 -29.71 0.18
C PRO D 68 -14.46 -29.21 0.02
N ALA E 1 17.96 14.95 -27.12
CA ALA E 1 17.30 15.03 -25.78
C ALA E 1 17.04 13.67 -25.13
N PRO E 2 18.06 12.78 -25.07
CA PRO E 2 17.77 11.50 -24.41
C PRO E 2 17.44 11.66 -22.93
N ALA E 3 16.42 10.92 -22.47
CA ALA E 3 16.05 10.90 -21.06
C ALA E 3 17.21 10.29 -20.28
N THR E 4 17.43 10.78 -19.08
CA THR E 4 18.49 10.27 -18.21
C THR E 4 17.90 9.74 -16.91
N GLY E 5 18.70 8.97 -16.19
CA GLY E 5 18.32 8.48 -14.86
C GLY E 5 19.50 8.55 -13.93
N GLY E 6 19.24 8.55 -12.63
CA GLY E 6 20.31 8.63 -11.65
C GLY E 6 21.02 9.97 -11.67
N VAL E 7 20.28 11.05 -11.92
CA VAL E 7 20.83 12.39 -11.76
C VAL E 7 20.69 12.79 -10.28
N LYS E 9 20.44 15.49 -7.60
CA LYS E 9 20.11 16.91 -7.38
C LYS E 9 19.02 17.01 -6.30
N PRO E 10 19.16 17.97 -5.37
CA PRO E 10 18.04 18.25 -4.46
C PRO E 10 16.76 18.49 -5.26
N HIS E 11 15.64 18.00 -4.73
CA HIS E 11 14.35 18.12 -5.41
C HIS E 11 13.72 19.48 -5.16
N ALA F 3 -29.16 -0.90 -17.06
CA ALA F 3 -29.65 -0.88 -15.65
C ALA F 3 -28.65 -1.57 -14.72
N THR F 4 -28.45 -1.02 -13.53
CA THR F 4 -27.50 -1.60 -12.57
C THR F 4 -28.19 -2.15 -11.33
N GLY F 5 -27.43 -2.90 -10.53
CA GLY F 5 -27.90 -3.43 -9.26
C GLY F 5 -26.79 -3.44 -8.23
N GLY F 6 -27.15 -3.44 -6.95
CA GLY F 6 -26.17 -3.44 -5.87
C GLY F 6 -25.47 -2.10 -5.80
N VAL F 7 -26.24 -1.04 -6.01
CA VAL F 7 -25.72 0.32 -5.88
C VAL F 7 -25.95 0.77 -4.43
N LYS F 9 -26.36 3.68 -1.78
CA LYS F 9 -26.71 5.08 -1.55
C LYS F 9 -27.85 5.15 -0.53
N PRO F 10 -27.82 6.13 0.39
CA PRO F 10 -28.97 6.26 1.29
C PRO F 10 -30.26 6.47 0.52
N HIS F 11 -31.36 5.88 1.00
CA HIS F 11 -32.63 6.01 0.32
C HIS F 11 -33.13 7.45 0.41
N ARG F 12 -33.16 8.13 -0.74
CA ARG F 12 -33.57 9.54 -0.86
C ARG F 12 -32.65 10.46 -0.06
#